data_7E0S
#
_entry.id   7E0S
#
_cell.length_a   85.686
_cell.length_b   96.345
_cell.length_c   130.226
_cell.angle_alpha   90.000
_cell.angle_beta   90.000
_cell.angle_gamma   90.000
#
_symmetry.space_group_name_H-M   'P 21 21 21'
#
loop_
_entity.id
_entity.type
_entity.pdbx_description
1 polymer 'Indoleamine 2,3-dioxygenase 1'
2 non-polymer 'PROTOPORPHYRIN IX CONTAINING FE'
3 non-polymer (1~{R},2~{S})-2-[[(6-bromanyl-1~{H}-indazol-4-yl)amino]methyl]cyclohexan-1-ol
4 non-polymer 'ACETIC ACID'
5 water water
#
_entity_poly.entity_id   1
_entity_poly.type   'polypeptide(L)'
_entity_poly.pdbx_seq_one_letter_code
;SKEYHIDEEVGFALPNPQENLPDFYNDWMFIAKHLPDLIESGQLRERVEKLNMLSIDHLTDHKSQRLARLVLGCITMAYV
WGKGHGDVRKVLPRNIAVPYCQLSKKLELPPILVYADCVLANWKKKDPNKPLTYENMDVLFSFRDGDCSKGFFLVSLLVE
IAAASAIKVIPTVFKAMQMQERDTLLKALLEIASCLEKALQVFHQIHDHVNPKAFFSVLRIYLSGWKGNPQLSDGLVYEG
FWEDPKEFAGGSAGQSSVFQCFDVLLGIQQTAGGGHAAQFLQDMRRYMPPAHRNFLCSLESNPSVREFVLSKGDAGLREA
YDACVKALVSLRSYHLQIVTKYILIPASQQPKENKTSEDPSKLEAKGTGGTDLMNFLKTVRSTTEKSLLKEG
;
_entity_poly.pdbx_strand_id   A,B
#
loop_
_chem_comp.id
_chem_comp.type
_chem_comp.name
_chem_comp.formula
ACY non-polymer 'ACETIC ACID' 'C2 H4 O2'
HEM non-polymer 'PROTOPORPHYRIN IX CONTAINING FE' 'C34 H32 Fe N4 O4'
HU6 non-polymer (1~{R},2~{S})-2-[[(6-bromanyl-1~{H}-indazol-4-yl)amino]methyl]cyclohexan-1-ol 'C14 H18 Br N3 O'
#
# COMPACT_ATOMS: atom_id res chain seq x y z
N SER A 1 -15.57 15.13 -5.79
CA SER A 1 -17.03 15.04 -5.64
C SER A 1 -17.43 14.87 -4.16
N LYS A 2 -18.66 14.38 -3.93
CA LYS A 2 -19.14 14.04 -2.60
C LYS A 2 -18.85 12.60 -2.21
N GLU A 3 -18.70 11.68 -3.19
CA GLU A 3 -18.23 10.32 -2.89
C GLU A 3 -16.74 10.27 -2.48
N TYR A 4 -15.93 11.31 -2.71
CA TYR A 4 -14.57 11.36 -2.20
C TYR A 4 -14.41 12.26 -0.96
N HIS A 5 -15.50 12.88 -0.51
CA HIS A 5 -15.48 13.75 0.67
C HIS A 5 -14.37 14.81 0.52
N ILE A 6 -14.42 15.53 -0.59
CA ILE A 6 -13.53 16.66 -0.87
C ILE A 6 -14.38 17.90 -0.96
N ASP A 7 -13.95 18.96 -0.32
CA ASP A 7 -14.71 20.18 -0.23
C ASP A 7 -14.13 21.20 -1.18
N GLU A 8 -14.99 21.99 -1.84
CA GLU A 8 -14.47 23.02 -2.76
C GLU A 8 -13.60 24.01 -2.02
N GLU A 9 -14.02 24.41 -0.80
CA GLU A 9 -13.30 25.40 0.01
C GLU A 9 -12.04 24.85 0.68
N VAL A 10 -12.17 23.75 1.45
CA VAL A 10 -11.13 23.31 2.39
C VAL A 10 -10.52 21.96 1.98
N GLY A 11 -10.84 21.41 0.83
CA GLY A 11 -10.11 20.23 0.37
C GLY A 11 -10.35 18.96 1.17
N PHE A 12 -9.26 18.36 1.63
CA PHE A 12 -9.42 17.13 2.39
C PHE A 12 -9.77 17.40 3.85
N ALA A 13 -9.73 18.66 4.26
CA ALA A 13 -10.12 19.04 5.59
C ALA A 13 -11.62 18.79 5.76
N LEU A 14 -12.03 18.64 7.01
CA LEU A 14 -13.43 18.51 7.36
C LEU A 14 -14.05 19.89 7.46
N PRO A 15 -15.12 20.20 6.72
CA PRO A 15 -15.75 21.52 6.83
C PRO A 15 -16.62 21.66 8.07
N ASN A 16 -16.68 22.91 8.61
CA ASN A 16 -17.25 23.34 9.89
C ASN A 16 -17.42 22.18 10.85
N PRO A 17 -16.30 21.68 11.38
CA PRO A 17 -16.36 20.54 12.30
C PRO A 17 -17.19 20.84 13.55
N GLN A 18 -17.99 19.84 13.94
CA GLN A 18 -18.74 19.88 15.18
C GLN A 18 -17.82 20.14 16.38
N GLU A 19 -18.26 21.03 17.29
CA GLU A 19 -17.52 21.32 18.51
C GLU A 19 -18.14 20.73 19.75
N ASN A 20 -19.33 20.15 19.63
CA ASN A 20 -20.12 19.71 20.77
C ASN A 20 -20.66 18.32 20.50
N LEU A 21 -20.62 17.47 21.51
CA LEU A 21 -21.22 16.15 21.38
C LEU A 21 -22.58 16.11 22.06
N PRO A 22 -23.41 15.11 21.75
CA PRO A 22 -24.65 14.95 22.49
C PRO A 22 -24.40 14.97 23.99
N ASP A 23 -25.42 15.41 24.74
CA ASP A 23 -25.31 15.46 26.19
C ASP A 23 -24.80 14.13 26.74
N PHE A 24 -25.16 13.03 26.09
CA PHE A 24 -24.87 11.71 26.62
C PHE A 24 -23.36 11.44 26.78
N TYR A 25 -22.48 12.30 26.26
CA TYR A 25 -21.03 12.11 26.33
C TYR A 25 -20.33 13.28 27.00
N ASN A 26 -20.94 13.92 28.00
CA ASN A 26 -20.23 15.03 28.63
C ASN A 26 -18.99 14.53 29.36
N ASP A 27 -19.02 13.29 29.85
CA ASP A 27 -17.87 12.81 30.59
C ASP A 27 -16.64 12.69 29.70
N TRP A 28 -16.82 12.34 28.42
CA TRP A 28 -15.73 12.44 27.46
C TRP A 28 -15.33 13.89 27.25
N MET A 29 -16.29 14.72 26.91
CA MET A 29 -15.95 16.10 26.58
C MET A 29 -15.38 16.82 27.78
N PHE A 30 -15.75 16.43 29.01
CA PHE A 30 -15.22 17.17 30.15
C PHE A 30 -13.71 16.97 30.27
N ILE A 31 -13.24 15.73 30.04
CA ILE A 31 -11.81 15.43 30.10
C ILE A 31 -11.08 16.08 28.92
N ALA A 32 -11.62 15.91 27.72
CA ALA A 32 -10.93 16.40 26.55
C ALA A 32 -10.81 17.90 26.56
N LYS A 33 -11.76 18.61 27.19
CA LYS A 33 -11.75 20.07 27.12
C LYS A 33 -10.87 20.68 28.19
N HIS A 34 -10.33 19.87 29.11
CA HIS A 34 -9.49 20.39 30.20
C HIS A 34 -8.15 19.65 30.34
N LEU A 35 -7.65 19.02 29.27
CA LEU A 35 -6.42 18.26 29.38
C LEU A 35 -5.27 19.08 29.98
N PRO A 36 -5.12 20.36 29.69
CA PRO A 36 -3.98 21.10 30.26
C PRO A 36 -3.98 21.16 31.78
N ASP A 37 -5.12 21.49 32.44
CA ASP A 37 -5.16 21.46 33.91
C ASP A 37 -5.13 20.02 34.44
N LEU A 38 -5.87 19.09 33.81
CA LEU A 38 -5.92 17.72 34.30
C LEU A 38 -4.57 16.98 34.23
N ILE A 39 -3.84 17.13 33.13
CA ILE A 39 -2.54 16.47 33.03
C ILE A 39 -1.60 17.05 34.08
N GLU A 40 -1.54 18.39 34.15
CA GLU A 40 -0.59 19.10 35.02
C GLU A 40 -0.89 18.88 36.51
N SER A 41 -2.17 18.72 36.87
CA SER A 41 -2.57 18.43 38.23
C SER A 41 -2.43 16.97 38.63
N GLY A 42 -2.25 16.05 37.70
CA GLY A 42 -2.17 14.65 38.06
C GLY A 42 -3.50 13.95 38.11
N GLN A 43 -4.56 14.63 37.73
CA GLN A 43 -5.88 14.04 37.85
C GLN A 43 -6.33 13.31 36.61
N LEU A 44 -5.63 13.49 35.48
CA LEU A 44 -6.16 12.99 34.21
C LEU A 44 -6.37 11.49 34.26
N ARG A 45 -5.31 10.74 34.60
CA ARG A 45 -5.37 9.28 34.53
C ARG A 45 -6.47 8.71 35.41
N GLU A 46 -6.61 9.21 36.64
CA GLU A 46 -7.67 8.73 37.51
C GLU A 46 -9.06 9.09 36.94
N ARG A 47 -9.24 10.32 36.41
CA ARG A 47 -10.56 10.67 35.86
C ARG A 47 -10.92 9.81 34.62
N VAL A 48 -9.94 9.23 33.91
CA VAL A 48 -10.19 8.28 32.81
C VAL A 48 -10.38 6.87 33.34
N GLU A 49 -9.70 6.53 34.42
CA GLU A 49 -9.88 5.20 34.99
C GLU A 49 -11.26 5.05 35.62
N LYS A 50 -11.78 6.13 36.23
CA LYS A 50 -13.12 6.11 36.80
C LYS A 50 -14.19 5.96 35.71
N LEU A 51 -14.03 6.72 34.61
CA LEU A 51 -15.00 6.81 33.50
C LEU A 51 -15.84 5.57 33.26
N ASN A 52 -17.16 5.76 33.12
CA ASN A 52 -17.99 4.65 32.70
C ASN A 52 -17.78 4.38 31.21
N MET A 53 -18.14 3.16 30.81
CA MET A 53 -18.09 2.77 29.41
C MET A 53 -19.38 3.24 28.74
N LEU A 54 -19.22 3.97 27.64
CA LEU A 54 -20.32 4.59 26.92
C LEU A 54 -20.43 3.96 25.54
N SER A 55 -21.67 3.79 25.07
CA SER A 55 -21.90 3.23 23.74
C SER A 55 -21.70 4.30 22.68
N ILE A 56 -21.37 3.84 21.46
CA ILE A 56 -21.19 4.77 20.34
C ILE A 56 -22.48 4.95 19.54
N ASP A 57 -23.50 4.12 19.77
CA ASP A 57 -24.69 4.11 18.95
C ASP A 57 -25.31 5.51 18.80
N HIS A 58 -25.11 6.40 19.78
CA HIS A 58 -25.73 7.72 19.80
C HIS A 58 -24.96 8.77 18.99
N LEU A 59 -23.89 8.37 18.30
CA LEU A 59 -23.14 9.24 17.40
C LEU A 59 -23.68 8.95 16.01
N THR A 60 -24.56 9.84 15.53
CA THR A 60 -25.52 9.55 14.48
C THR A 60 -25.03 9.92 13.07
N ASP A 61 -24.31 11.05 12.90
CA ASP A 61 -23.74 11.45 11.60
C ASP A 61 -22.22 11.51 11.65
N HIS A 62 -21.62 11.79 10.48
CA HIS A 62 -20.17 11.67 10.32
C HIS A 62 -19.44 12.68 11.18
N LYS A 63 -19.87 13.94 11.13
CA LYS A 63 -19.19 14.95 11.93
C LYS A 63 -19.27 14.63 13.43
N SER A 64 -20.31 13.96 13.89
CA SER A 64 -20.34 13.59 15.31
C SER A 64 -19.23 12.59 15.60
N GLN A 65 -19.13 11.55 14.77
CA GLN A 65 -18.15 10.49 14.99
C GLN A 65 -16.73 11.02 14.87
N ARG A 66 -16.53 12.04 14.04
CA ARG A 66 -15.20 12.61 13.88
C ARG A 66 -14.79 13.38 15.11
N LEU A 67 -15.67 14.25 15.62
CA LEU A 67 -15.35 14.95 16.86
C LEU A 67 -15.06 13.96 17.97
N ALA A 68 -15.83 12.87 18.01
CA ALA A 68 -15.65 11.83 19.02
C ALA A 68 -14.26 11.20 18.91
N ARG A 69 -13.88 10.76 17.70
CA ARG A 69 -12.53 10.26 17.46
C ARG A 69 -11.45 11.24 17.94
N LEU A 70 -11.68 12.55 17.77
CA LEU A 70 -10.71 13.58 18.22
C LEU A 70 -10.63 13.66 19.75
N VAL A 71 -11.79 13.77 20.42
CA VAL A 71 -11.92 13.65 21.86
C VAL A 71 -11.17 12.40 22.31
N LEU A 72 -11.67 11.22 21.91
CA LEU A 72 -11.07 9.97 22.37
C LEU A 72 -9.59 9.88 21.99
N GLY A 73 -9.19 10.38 20.81
CA GLY A 73 -7.79 10.31 20.42
C GLY A 73 -6.90 11.14 21.30
N CYS A 74 -7.28 12.40 21.56
CA CYS A 74 -6.50 13.26 22.45
C CYS A 74 -6.49 12.75 23.90
N ILE A 75 -7.60 12.25 24.41
CA ILE A 75 -7.60 11.71 25.77
C ILE A 75 -6.56 10.60 25.85
N THR A 76 -6.56 9.68 24.87
CA THR A 76 -5.61 8.58 24.84
C THR A 76 -4.16 9.05 24.83
N MET A 77 -3.82 10.01 23.98
CA MET A 77 -2.43 10.47 24.00
C MET A 77 -2.09 10.98 25.39
N ALA A 78 -2.96 11.77 26.00
CA ALA A 78 -2.64 12.31 27.30
C ALA A 78 -2.54 11.20 28.35
N TYR A 79 -3.47 10.23 28.32
CA TYR A 79 -3.37 9.08 29.22
C TYR A 79 -2.03 8.37 29.05
N VAL A 80 -1.78 7.86 27.84
CA VAL A 80 -0.59 7.05 27.59
C VAL A 80 0.67 7.78 28.04
N TRP A 81 0.83 9.05 27.67
CA TRP A 81 2.08 9.77 27.93
C TRP A 81 2.07 10.58 29.21
N GLY A 82 0.92 10.70 29.87
CA GLY A 82 0.91 11.39 31.11
C GLY A 82 1.34 12.84 30.99
N LYS A 83 2.29 13.21 31.85
CA LYS A 83 2.85 14.55 31.84
C LYS A 83 3.93 14.70 30.79
N GLY A 84 4.15 13.69 29.95
CA GLY A 84 5.26 13.65 29.03
C GLY A 84 6.61 13.86 29.66
N HIS A 85 6.92 13.05 30.68
CA HIS A 85 8.22 13.02 31.32
C HIS A 85 8.85 11.64 31.29
N GLY A 86 8.09 10.61 30.88
CA GLY A 86 8.61 9.27 30.69
C GLY A 86 7.90 8.17 31.45
N ASP A 87 6.84 8.47 32.23
CA ASP A 87 6.06 7.40 32.84
C ASP A 87 4.89 7.12 31.90
N VAL A 88 4.92 6.01 31.20
CA VAL A 88 3.96 5.73 30.14
C VAL A 88 3.05 4.62 30.60
N ARG A 89 1.75 4.80 30.43
CA ARG A 89 0.84 3.70 30.67
C ARG A 89 0.93 2.77 29.47
N LYS A 90 0.87 1.46 29.72
CA LYS A 90 1.00 0.42 28.71
C LYS A 90 -0.33 -0.30 28.44
N VAL A 91 -1.42 0.19 29.03
CA VAL A 91 -2.74 -0.41 28.97
C VAL A 91 -3.77 0.71 28.93
N LEU A 92 -4.63 0.69 27.95
CA LEU A 92 -5.65 1.72 27.90
C LEU A 92 -6.95 1.12 28.42
N PRO A 93 -7.61 1.75 29.42
CA PRO A 93 -8.76 1.12 30.10
C PRO A 93 -9.92 0.80 29.18
N ARG A 94 -10.45 -0.42 29.31
CA ARG A 94 -11.56 -0.86 28.47
C ARG A 94 -12.68 0.17 28.39
N ASN A 95 -12.96 0.88 29.49
CA ASN A 95 -14.09 1.77 29.47
C ASN A 95 -13.93 2.91 28.45
N ILE A 96 -12.69 3.25 28.10
CA ILE A 96 -12.45 4.16 26.98
C ILE A 96 -11.89 3.44 25.76
N ALA A 97 -11.07 2.40 25.92
CA ALA A 97 -10.51 1.73 24.76
C ALA A 97 -11.60 1.19 23.86
N VAL A 98 -12.58 0.51 24.45
CA VAL A 98 -13.60 -0.20 23.69
C VAL A 98 -14.39 0.74 22.79
N PRO A 99 -15.06 1.77 23.30
CA PRO A 99 -15.72 2.72 22.37
C PRO A 99 -14.75 3.37 21.36
N TYR A 100 -13.47 3.50 21.70
CA TYR A 100 -12.53 4.10 20.75
C TYR A 100 -12.30 3.18 19.57
N CYS A 101 -12.01 1.91 19.85
CA CYS A 101 -11.84 0.90 18.81
C CYS A 101 -13.11 0.64 18.01
N GLN A 102 -14.28 0.87 18.58
CA GLN A 102 -15.53 0.61 17.86
C GLN A 102 -15.88 1.76 16.94
N LEU A 103 -15.70 2.99 17.43
CA LEU A 103 -15.80 4.16 16.56
C LEU A 103 -14.67 4.18 15.52
N SER A 104 -13.51 3.62 15.86
CA SER A 104 -12.44 3.50 14.89
C SER A 104 -12.79 2.50 13.81
N LYS A 105 -13.12 1.24 14.17
CA LYS A 105 -13.56 0.28 13.16
C LYS A 105 -14.65 0.87 12.27
N LYS A 106 -15.50 1.74 12.81
CA LYS A 106 -16.62 2.25 12.01
C LYS A 106 -16.11 3.21 10.92
N LEU A 107 -15.15 4.06 11.25
CA LEU A 107 -14.64 5.02 10.30
C LEU A 107 -13.45 4.49 9.51
N GLU A 108 -13.18 3.19 9.59
CA GLU A 108 -12.03 2.56 8.96
C GLU A 108 -10.73 3.35 9.21
N LEU A 109 -10.50 3.70 10.48
CA LEU A 109 -9.28 4.38 10.90
C LEU A 109 -8.71 3.70 12.12
N PRO A 110 -7.41 3.82 12.35
CA PRO A 110 -6.82 3.19 13.50
C PRO A 110 -7.15 3.96 14.76
N PRO A 111 -7.29 3.22 15.90
CA PRO A 111 -7.60 3.83 17.18
C PRO A 111 -6.37 4.51 17.73
N ILE A 112 -6.09 5.72 17.21
CA ILE A 112 -4.98 6.55 17.63
C ILE A 112 -5.15 7.90 16.95
N LEU A 113 -4.62 8.94 17.56
CA LEU A 113 -4.79 10.26 16.99
C LEU A 113 -4.06 10.32 15.65
N VAL A 114 -4.78 10.62 14.56
CA VAL A 114 -4.14 10.77 13.26
C VAL A 114 -4.30 12.20 12.79
N TYR A 115 -3.62 12.50 11.68
CA TYR A 115 -3.62 13.86 11.13
C TYR A 115 -5.03 14.34 10.83
N ALA A 116 -5.89 13.43 10.34
CA ALA A 116 -7.25 13.82 10.05
C ALA A 116 -8.04 14.19 11.32
N ASP A 117 -7.62 13.72 12.51
CA ASP A 117 -8.31 14.13 13.74
C ASP A 117 -7.78 15.48 14.21
N CYS A 118 -6.48 15.58 14.49
CA CYS A 118 -5.97 16.73 15.22
C CYS A 118 -5.66 17.94 14.36
N VAL A 119 -5.78 17.81 13.03
CA VAL A 119 -5.61 18.93 12.12
C VAL A 119 -6.89 19.08 11.32
N LEU A 120 -7.26 18.03 10.58
CA LEU A 120 -8.32 18.19 9.59
C LEU A 120 -9.67 18.47 10.24
N ALA A 121 -9.87 18.03 11.50
CA ALA A 121 -11.16 18.14 12.19
C ALA A 121 -11.09 18.93 13.50
N ASN A 122 -9.94 19.52 13.80
CA ASN A 122 -9.66 20.18 15.05
C ASN A 122 -9.62 21.70 14.90
N TRP A 123 -10.66 22.29 14.35
CA TRP A 123 -10.67 23.72 14.11
C TRP A 123 -12.12 24.24 14.11
N LYS A 124 -12.27 25.52 14.48
CA LYS A 124 -13.50 26.27 14.28
C LYS A 124 -13.16 27.64 13.71
N LYS A 125 -14.15 28.28 13.13
CA LYS A 125 -14.09 29.69 12.81
C LYS A 125 -14.55 30.42 14.06
N LYS A 126 -13.85 31.49 14.43
CA LYS A 126 -14.35 32.36 15.49
C LYS A 126 -15.64 33.03 15.03
N ASP A 127 -15.59 33.63 13.84
CA ASP A 127 -16.72 34.31 13.21
C ASP A 127 -17.15 33.60 11.92
N PRO A 128 -18.36 33.01 11.86
CA PRO A 128 -18.75 32.28 10.64
C PRO A 128 -18.60 33.09 9.38
N ASN A 129 -18.74 34.42 9.46
CA ASN A 129 -18.83 35.28 8.28
C ASN A 129 -17.54 36.04 7.97
N LYS A 130 -16.50 35.86 8.75
CA LYS A 130 -15.16 36.25 8.32
C LYS A 130 -14.50 35.07 7.61
N PRO A 131 -13.32 35.28 7.02
CA PRO A 131 -12.66 34.20 6.27
C PRO A 131 -11.75 33.28 7.09
N LEU A 132 -11.35 32.19 6.45
CA LEU A 132 -10.42 31.22 7.02
C LEU A 132 -9.00 31.79 7.01
N THR A 133 -8.77 32.75 7.91
CA THR A 133 -7.43 33.23 8.21
C THR A 133 -7.10 32.85 9.65
N TYR A 134 -5.79 32.78 9.95
CA TYR A 134 -5.33 32.35 11.27
C TYR A 134 -5.96 33.17 12.37
N GLU A 135 -6.36 34.39 12.08
CA GLU A 135 -6.82 35.29 13.12
C GLU A 135 -8.33 35.18 13.38
N ASN A 136 -9.09 34.48 12.54
CA ASN A 136 -10.49 34.16 12.79
C ASN A 136 -10.68 32.65 13.05
N MET A 137 -9.60 31.94 13.44
CA MET A 137 -9.67 30.50 13.69
C MET A 137 -9.08 30.11 15.05
N ASP A 138 -9.43 28.90 15.48
CA ASP A 138 -9.05 28.35 16.77
C ASP A 138 -9.14 26.82 16.67
N VAL A 139 -8.40 26.13 17.51
CA VAL A 139 -8.56 24.70 17.63
C VAL A 139 -9.48 24.40 18.81
N LEU A 140 -10.03 23.20 18.79
CA LEU A 140 -10.98 22.77 19.82
C LEU A 140 -10.23 22.25 21.04
N PHE A 141 -9.19 21.42 20.80
CA PHE A 141 -8.47 20.70 21.84
C PHE A 141 -6.97 20.91 21.75
N SER A 142 -6.34 20.91 22.93
CA SER A 142 -4.91 20.97 23.10
C SER A 142 -4.54 19.98 24.19
N PHE A 143 -3.24 19.88 24.48
CA PHE A 143 -2.75 18.96 25.49
C PHE A 143 -2.23 19.64 26.76
N ARG A 144 -1.52 20.76 26.60
CA ARG A 144 -0.85 21.49 27.68
C ARG A 144 -0.79 22.97 27.34
N ASP A 145 -0.79 23.80 28.39
CA ASP A 145 -0.52 25.21 28.17
C ASP A 145 0.88 25.33 27.60
N GLY A 146 1.02 26.16 26.57
CA GLY A 146 2.31 26.39 25.98
C GLY A 146 2.84 25.30 25.07
N ASP A 147 1.98 24.34 24.67
CA ASP A 147 2.39 23.30 23.73
C ASP A 147 2.45 23.83 22.29
N CYS A 148 1.95 25.07 22.09
CA CYS A 148 1.95 25.76 20.80
C CYS A 148 1.18 24.92 19.76
N SER A 149 0.09 24.27 20.21
CA SER A 149 -0.68 23.44 19.28
C SER A 149 -1.66 24.24 18.43
N LYS A 150 -2.22 25.34 18.92
CA LYS A 150 -2.91 26.23 18.01
C LYS A 150 -2.02 26.55 16.80
N GLY A 151 -0.89 27.20 17.05
CA GLY A 151 -0.01 27.60 15.98
C GLY A 151 0.31 26.48 14.98
N PHE A 152 0.50 25.26 15.49
CA PHE A 152 0.99 24.14 14.70
C PHE A 152 -0.12 23.51 13.88
N PHE A 153 -1.18 23.07 14.54
CA PHE A 153 -2.30 22.45 13.83
C PHE A 153 -2.89 23.41 12.81
N LEU A 154 -3.09 24.68 13.18
CA LEU A 154 -3.76 25.62 12.29
C LEU A 154 -2.87 26.04 11.11
N VAL A 155 -1.57 26.18 11.30
CA VAL A 155 -0.75 26.50 10.14
C VAL A 155 -0.69 25.30 9.22
N SER A 156 -0.54 24.10 9.79
CA SER A 156 -0.72 22.90 9.00
C SER A 156 -2.04 22.96 8.28
N LEU A 157 -3.13 23.21 9.03
CA LEU A 157 -4.45 23.21 8.41
C LEU A 157 -4.53 24.22 7.29
N LEU A 158 -3.77 25.30 7.38
CA LEU A 158 -3.96 26.38 6.43
C LEU A 158 -3.25 26.06 5.13
N VAL A 159 -2.08 25.42 5.22
CA VAL A 159 -1.36 24.97 4.06
C VAL A 159 -2.10 23.82 3.38
N GLU A 160 -2.76 22.94 4.14
CA GLU A 160 -3.72 22.00 3.56
C GLU A 160 -4.71 22.71 2.65
N ILE A 161 -5.39 23.70 3.22
CA ILE A 161 -6.44 24.40 2.49
C ILE A 161 -5.89 25.15 1.29
N ALA A 162 -4.68 25.66 1.40
CA ALA A 162 -4.09 26.36 0.27
C ALA A 162 -3.89 25.41 -0.90
N ALA A 163 -3.33 24.23 -0.61
CA ALA A 163 -3.11 23.23 -1.66
C ALA A 163 -4.41 22.64 -2.20
N ALA A 164 -5.47 22.59 -1.41
CA ALA A 164 -6.76 22.18 -1.93
C ALA A 164 -7.32 23.08 -3.02
N SER A 165 -6.74 24.26 -3.23
CA SER A 165 -7.21 25.07 -4.35
C SER A 165 -6.80 24.47 -5.68
N ALA A 166 -5.88 23.51 -5.64
CA ALA A 166 -5.43 22.84 -6.84
C ALA A 166 -6.16 21.52 -7.06
N ILE A 167 -6.86 20.99 -6.05
CA ILE A 167 -7.59 19.73 -6.23
C ILE A 167 -8.71 19.90 -7.24
N LYS A 168 -9.43 21.01 -7.17
CA LYS A 168 -10.41 21.45 -8.15
C LYS A 168 -9.92 21.20 -9.58
N VAL A 169 -8.64 21.47 -9.83
CA VAL A 169 -8.06 21.38 -11.16
C VAL A 169 -7.80 19.93 -11.63
N ILE A 170 -7.70 18.96 -10.72
CA ILE A 170 -7.25 17.62 -11.10
C ILE A 170 -8.13 16.99 -12.18
N PRO A 171 -9.46 17.07 -12.11
CA PRO A 171 -10.24 16.43 -13.19
C PRO A 171 -10.03 17.11 -14.53
N THR A 172 -9.97 18.45 -14.54
CA THR A 172 -9.60 19.19 -15.74
C THR A 172 -8.37 18.61 -16.43
N VAL A 173 -7.31 18.36 -15.65
CA VAL A 173 -6.12 17.73 -16.20
C VAL A 173 -6.46 16.43 -16.92
N PHE A 174 -7.15 15.53 -16.25
CA PHE A 174 -7.36 14.19 -16.82
C PHE A 174 -8.30 14.20 -18.03
N LYS A 175 -9.32 15.07 -18.02
CA LYS A 175 -10.17 15.22 -19.20
C LYS A 175 -9.39 15.82 -20.36
N ALA A 176 -8.57 16.82 -20.09
CA ALA A 176 -7.82 17.46 -21.15
C ALA A 176 -6.93 16.46 -21.88
N MET A 177 -6.27 15.55 -21.15
CA MET A 177 -5.42 14.54 -21.78
C MET A 177 -6.24 13.56 -22.63
N GLN A 178 -7.42 13.16 -22.13
CA GLN A 178 -8.28 12.20 -22.83
C GLN A 178 -8.99 12.83 -24.02
N MET A 179 -9.29 14.13 -23.96
CA MET A 179 -9.85 14.90 -25.07
C MET A 179 -8.78 15.62 -25.87
N GLN A 180 -7.53 15.33 -25.56
CA GLN A 180 -6.40 15.81 -26.33
C GLN A 180 -6.43 17.34 -26.52
N GLU A 181 -6.62 18.05 -25.41
CA GLU A 181 -6.73 19.50 -25.38
C GLU A 181 -5.48 20.07 -24.71
N ARG A 182 -4.48 20.33 -25.54
CA ARG A 182 -3.19 20.80 -25.06
C ARG A 182 -3.29 22.14 -24.34
N ASP A 183 -4.07 23.08 -24.87
CA ASP A 183 -4.12 24.40 -24.24
C ASP A 183 -4.75 24.35 -22.85
N THR A 184 -5.82 23.57 -22.64
CA THR A 184 -6.40 23.68 -21.34
C THR A 184 -5.66 22.79 -20.36
N LEU A 185 -4.88 21.80 -20.85
CA LEU A 185 -4.01 21.05 -19.94
C LEU A 185 -2.88 21.92 -19.43
N LEU A 186 -2.20 22.63 -20.35
CA LEU A 186 -1.19 23.60 -19.95
C LEU A 186 -1.74 24.61 -18.94
N LYS A 187 -2.96 25.08 -19.16
CA LYS A 187 -3.54 26.07 -18.25
C LYS A 187 -3.76 25.45 -16.87
N ALA A 188 -4.24 24.21 -16.82
CA ALA A 188 -4.41 23.54 -15.55
C ALA A 188 -3.07 23.35 -14.85
N LEU A 189 -2.03 22.93 -15.58
CA LEU A 189 -0.79 22.64 -14.88
C LEU A 189 -0.20 23.89 -14.26
N LEU A 190 -0.42 25.06 -14.89
CA LEU A 190 0.12 26.30 -14.32
C LEU A 190 -0.71 26.84 -13.16
N GLU A 191 -2.02 26.61 -13.18
CA GLU A 191 -2.87 26.96 -12.04
C GLU A 191 -2.47 26.14 -10.83
N ILE A 192 -2.40 24.82 -10.99
CA ILE A 192 -1.86 23.97 -9.94
C ILE A 192 -0.57 24.59 -9.41
N ALA A 193 0.37 24.87 -10.31
CA ALA A 193 1.65 25.38 -9.83
C ALA A 193 1.45 26.65 -9.01
N SER A 194 0.64 27.59 -9.53
CA SER A 194 0.27 28.78 -8.77
C SER A 194 -0.29 28.43 -7.38
N CYS A 195 -1.12 27.39 -7.28
CA CYS A 195 -1.67 27.02 -5.98
C CYS A 195 -0.57 26.52 -5.02
N LEU A 196 0.40 25.73 -5.51
CA LEU A 196 1.46 25.25 -4.63
C LEU A 196 2.50 26.33 -4.32
N GLU A 197 2.64 27.36 -5.17
CA GLU A 197 3.52 28.47 -4.84
C GLU A 197 2.87 29.31 -3.73
N LYS A 198 1.55 29.41 -3.80
CA LYS A 198 0.76 30.09 -2.79
C LYS A 198 0.95 29.41 -1.44
N ALA A 199 0.74 28.09 -1.42
CA ALA A 199 0.74 27.39 -0.16
C ALA A 199 2.08 27.48 0.54
N LEU A 200 3.17 27.67 -0.23
CA LEU A 200 4.44 27.97 0.40
C LEU A 200 4.40 29.28 1.16
N GLN A 201 3.73 30.30 0.61
CA GLN A 201 3.64 31.58 1.31
C GLN A 201 2.96 31.41 2.65
N VAL A 202 1.86 30.65 2.66
CA VAL A 202 1.14 30.37 3.89
C VAL A 202 2.07 29.76 4.93
N PHE A 203 2.86 28.79 4.51
CA PHE A 203 3.80 28.12 5.40
C PHE A 203 4.68 29.12 6.15
N HIS A 204 5.00 30.28 5.54
CA HIS A 204 5.88 31.26 6.19
C HIS A 204 5.43 31.61 7.61
N GLN A 205 4.11 31.56 7.87
CA GLN A 205 3.52 31.95 9.14
C GLN A 205 3.93 31.07 10.31
N ILE A 206 4.57 29.93 10.06
CA ILE A 206 4.88 29.06 11.19
C ILE A 206 5.77 29.78 12.17
N HIS A 207 6.55 30.76 11.70
CA HIS A 207 7.57 31.37 12.53
C HIS A 207 6.97 32.29 13.57
N ASP A 208 5.79 32.87 13.25
CA ASP A 208 5.04 33.76 14.13
C ASP A 208 4.30 33.02 15.24
N HIS A 209 3.86 31.78 15.02
CA HIS A 209 2.93 31.13 15.94
C HIS A 209 3.41 29.83 16.60
N VAL A 210 4.62 29.35 16.30
CA VAL A 210 5.15 28.12 16.92
C VAL A 210 6.57 28.41 17.39
N ASN A 211 6.83 28.20 18.63
CA ASN A 211 8.16 28.48 19.16
C ASN A 211 8.96 27.18 19.18
N PRO A 212 10.23 27.19 18.72
CA PRO A 212 11.01 25.94 18.68
C PRO A 212 11.12 25.14 19.99
N LYS A 213 11.49 25.80 21.09
CA LYS A 213 11.59 25.13 22.39
C LYS A 213 10.26 24.47 22.80
N ALA A 214 9.15 25.21 22.75
CA ALA A 214 7.86 24.62 23.12
C ALA A 214 7.49 23.45 22.23
N PHE A 215 7.74 23.57 20.93
CA PHE A 215 7.39 22.51 19.99
C PHE A 215 8.20 21.24 20.25
N PHE A 216 9.52 21.38 20.41
CA PHE A 216 10.36 20.19 20.53
C PHE A 216 10.11 19.47 21.85
N SER A 217 9.86 20.20 22.93
CA SER A 217 9.87 19.56 24.24
C SER A 217 8.48 19.13 24.71
N VAL A 218 7.40 19.58 24.06
CA VAL A 218 6.08 19.28 24.59
C VAL A 218 5.18 18.63 23.53
N LEU A 219 4.77 19.40 22.51
CA LEU A 219 3.79 18.85 21.58
C LEU A 219 4.31 17.56 20.92
N ARG A 220 5.61 17.49 20.67
CA ARG A 220 6.21 16.31 20.09
C ARG A 220 6.01 15.08 20.96
N ILE A 221 5.94 15.25 22.28
CA ILE A 221 5.80 14.08 23.14
C ILE A 221 4.42 13.47 22.99
N TYR A 222 3.38 14.32 22.82
CA TYR A 222 2.00 13.86 22.82
C TYR A 222 1.55 13.27 21.50
N LEU A 223 2.14 13.70 20.36
CA LEU A 223 1.78 13.15 19.06
C LEU A 223 2.40 11.77 18.78
N SER A 224 3.41 11.38 19.53
CA SER A 224 4.07 10.10 19.33
C SER A 224 3.10 8.95 19.52
N GLY A 225 3.34 7.90 18.78
CA GLY A 225 2.46 6.77 18.81
C GLY A 225 3.29 5.64 19.33
N TRP A 226 2.91 4.42 18.98
CA TRP A 226 3.56 3.26 19.51
C TRP A 226 3.71 2.21 18.39
N LYS A 227 4.55 2.51 17.39
CA LYS A 227 4.99 1.53 16.39
C LYS A 227 6.48 1.76 16.22
N GLY A 228 7.28 0.77 16.63
CA GLY A 228 8.71 1.01 16.79
C GLY A 228 9.06 2.05 17.83
N ASN A 229 8.41 2.02 18.99
CA ASN A 229 8.77 2.96 20.04
C ASN A 229 9.42 2.21 21.20
N PRO A 230 10.67 2.50 21.52
CA PRO A 230 11.29 1.79 22.65
C PRO A 230 10.46 1.83 23.93
N GLN A 231 9.79 2.99 24.21
CA GLN A 231 9.02 3.23 25.43
C GLN A 231 7.74 2.40 25.51
N LEU A 232 7.21 1.93 24.37
CA LEU A 232 6.20 0.87 24.31
C LEU A 232 6.59 -0.13 23.21
N SER A 233 7.73 -0.79 23.41
CA SER A 233 8.30 -1.64 22.36
C SER A 233 7.29 -2.62 21.77
N ASP A 234 6.24 -2.98 22.51
CA ASP A 234 5.28 -3.99 22.04
C ASP A 234 3.91 -3.43 21.68
N GLY A 235 3.65 -2.16 21.99
CA GLY A 235 2.42 -1.52 21.60
C GLY A 235 1.61 -1.05 22.79
N LEU A 236 0.39 -0.63 22.52
CA LEU A 236 -0.60 -0.35 23.55
C LEU A 236 -1.60 -1.49 23.64
N VAL A 237 -2.13 -1.72 24.85
CA VAL A 237 -3.16 -2.74 25.05
C VAL A 237 -4.50 -2.05 25.01
N TYR A 238 -5.34 -2.47 24.09
CA TYR A 238 -6.69 -1.95 23.99
C TYR A 238 -7.58 -2.90 24.81
N GLU A 239 -7.63 -2.61 26.12
CA GLU A 239 -8.25 -3.49 27.10
C GLU A 239 -9.68 -3.82 26.70
N GLY A 240 -9.95 -5.11 26.57
CA GLY A 240 -11.27 -5.57 26.26
C GLY A 240 -11.61 -5.54 24.80
N PHE A 241 -10.73 -5.01 23.96
CA PHE A 241 -10.94 -5.06 22.52
C PHE A 241 -9.95 -5.94 21.81
N TRP A 242 -8.72 -6.02 22.29
CA TRP A 242 -7.73 -6.81 21.59
C TRP A 242 -6.93 -7.68 22.53
N GLU A 243 -7.07 -8.99 22.33
CA GLU A 243 -5.94 -9.86 22.17
C GLU A 243 -4.75 -9.32 22.95
N ASP A 244 -3.61 -9.10 22.24
CA ASP A 244 -2.35 -8.65 22.81
C ASP A 244 -2.13 -7.18 22.43
N PRO A 245 -1.07 -6.53 22.90
CA PRO A 245 -0.86 -5.13 22.53
C PRO A 245 -0.68 -4.96 21.03
N LYS A 246 -0.97 -3.76 20.57
CA LYS A 246 -1.00 -3.49 19.14
C LYS A 246 -0.27 -2.19 18.78
N GLU A 247 0.57 -2.25 17.74
CA GLU A 247 1.42 -1.14 17.34
C GLU A 247 0.67 -0.26 16.34
N PHE A 248 0.80 1.05 16.49
CA PHE A 248 0.13 2.01 15.62
C PHE A 248 0.96 3.29 15.57
N ALA A 249 1.25 3.77 14.38
CA ALA A 249 2.09 4.95 14.23
C ALA A 249 1.38 6.21 14.74
N GLY A 250 2.21 7.15 15.22
CA GLY A 250 1.72 8.44 15.61
C GLY A 250 1.39 9.32 14.42
N GLY A 251 0.65 10.38 14.70
CA GLY A 251 0.26 11.29 13.64
C GLY A 251 1.47 11.92 12.97
N SER A 252 1.27 12.29 11.70
CA SER A 252 2.28 12.86 10.83
C SER A 252 1.57 13.42 9.61
N ALA A 253 2.19 14.40 8.98
CA ALA A 253 1.69 14.90 7.72
C ALA A 253 1.97 13.95 6.59
N GLY A 254 2.70 12.87 6.86
CA GLY A 254 2.69 11.71 5.97
C GLY A 254 1.29 11.17 5.76
N GLN A 255 0.37 11.49 6.66
CA GLN A 255 -1.04 11.11 6.61
C GLN A 255 -1.90 12.12 5.86
N SER A 256 -1.28 13.24 5.49
CA SER A 256 -1.94 14.23 4.66
C SER A 256 -2.11 13.71 3.25
N SER A 257 -3.34 13.86 2.73
CA SER A 257 -3.68 13.45 1.37
C SER A 257 -3.29 14.49 0.31
N VAL A 258 -3.26 15.80 0.61
CA VAL A 258 -2.97 16.73 -0.49
C VAL A 258 -1.58 16.51 -1.01
N PHE A 259 -0.62 16.23 -0.15
CA PHE A 259 0.74 16.21 -0.70
C PHE A 259 1.05 14.88 -1.37
N GLN A 260 0.53 13.78 -0.82
CA GLN A 260 0.61 12.50 -1.50
C GLN A 260 -0.08 12.54 -2.85
N CYS A 261 -1.12 13.37 -2.98
CA CYS A 261 -1.93 13.29 -4.17
C CYS A 261 -1.32 14.11 -5.29
N PHE A 262 -0.52 15.13 -4.97
CA PHE A 262 0.22 15.79 -6.04
C PHE A 262 1.41 14.97 -6.51
N ASP A 263 2.04 14.22 -5.63
CA ASP A 263 3.04 13.28 -6.09
C ASP A 263 2.44 12.30 -7.10
N VAL A 264 1.28 11.72 -6.80
CA VAL A 264 0.68 10.70 -7.69
C VAL A 264 0.32 11.32 -9.04
N LEU A 265 -0.24 12.52 -9.01
CA LEU A 265 -0.66 13.21 -10.21
C LEU A 265 0.53 13.41 -11.14
N LEU A 266 1.55 14.07 -10.64
CA LEU A 266 2.76 14.33 -11.42
C LEU A 266 3.61 13.08 -11.64
N GLY A 267 3.22 11.92 -11.14
CA GLY A 267 4.00 10.78 -11.53
C GLY A 267 5.30 10.68 -10.80
N ILE A 268 5.39 11.31 -9.63
CA ILE A 268 6.51 11.20 -8.71
C ILE A 268 6.30 9.96 -7.85
N GLN A 269 7.14 8.97 -8.00
CA GLN A 269 6.77 7.68 -7.43
C GLN A 269 7.36 7.64 -6.04
N GLN A 270 6.67 8.32 -5.13
CA GLN A 270 7.13 8.31 -3.74
C GLN A 270 6.97 6.94 -3.11
N THR A 271 5.95 6.18 -3.52
CA THR A 271 5.65 4.89 -2.90
C THR A 271 6.34 3.69 -3.58
N ALA A 272 7.14 3.92 -4.64
CA ALA A 272 7.91 2.90 -5.36
C ALA A 272 9.32 2.75 -4.79
N GLY A 273 9.92 1.59 -5.02
CA GLY A 273 11.31 1.35 -4.70
C GLY A 273 11.55 0.35 -3.57
N GLY A 274 10.52 0.08 -2.76
CA GLY A 274 10.72 -0.70 -1.57
C GLY A 274 11.66 -0.10 -0.53
N GLY A 275 12.00 1.19 -0.64
CA GLY A 275 12.77 1.85 0.40
C GLY A 275 11.92 2.17 1.63
N HIS A 276 12.60 2.72 2.66
CA HIS A 276 11.93 3.08 3.92
C HIS A 276 11.04 4.29 3.74
N ALA A 277 11.51 5.27 2.96
CA ALA A 277 10.70 6.44 2.65
C ALA A 277 9.41 6.02 1.98
N ALA A 278 9.52 5.13 1.00
CA ALA A 278 8.34 4.74 0.24
C ALA A 278 7.40 3.88 1.07
N GLN A 279 7.94 2.99 1.91
CA GLN A 279 7.12 2.20 2.80
C GLN A 279 6.38 3.08 3.83
N PHE A 280 7.08 4.02 4.47
CA PHE A 280 6.38 4.88 5.42
C PHE A 280 5.18 5.54 4.78
N LEU A 281 5.37 6.13 3.61
CA LEU A 281 4.30 6.89 3.01
C LEU A 281 3.17 5.97 2.52
N GLN A 282 3.52 4.81 1.97
CA GLN A 282 2.50 3.82 1.68
C GLN A 282 1.75 3.42 2.96
N ASP A 283 2.49 3.00 4.01
CA ASP A 283 1.88 2.68 5.31
C ASP A 283 0.96 3.81 5.80
N MET A 284 1.40 5.08 5.70
CA MET A 284 0.58 6.17 6.23
C MET A 284 -0.75 6.32 5.49
N ARG A 285 -0.89 5.77 4.31
CA ARG A 285 -2.19 5.86 3.66
C ARG A 285 -3.28 5.18 4.49
N ARG A 286 -2.91 4.32 5.44
CA ARG A 286 -3.92 3.56 6.14
C ARG A 286 -4.49 4.36 7.29
N TYR A 287 -3.84 5.47 7.63
CA TYR A 287 -4.32 6.43 8.61
C TYR A 287 -5.07 7.59 7.95
N MET A 288 -5.31 7.51 6.63
CA MET A 288 -6.18 8.48 6.00
C MET A 288 -7.62 7.98 6.01
N PRO A 289 -8.59 8.89 6.06
CA PRO A 289 -10.01 8.48 5.92
C PRO A 289 -10.20 7.67 4.65
N PRO A 290 -11.10 6.70 4.64
CA PRO A 290 -11.17 5.78 3.49
C PRO A 290 -11.50 6.47 2.16
N ALA A 291 -12.42 7.43 2.14
CA ALA A 291 -12.70 8.15 0.92
C ALA A 291 -11.46 8.81 0.36
N HIS A 292 -10.51 9.22 1.22
CA HIS A 292 -9.32 9.87 0.71
C HIS A 292 -8.29 8.85 0.24
N ARG A 293 -8.12 7.79 1.01
CA ARG A 293 -7.44 6.61 0.49
C ARG A 293 -7.95 6.30 -0.92
N ASN A 294 -9.28 6.24 -1.07
CA ASN A 294 -9.88 5.82 -2.34
C ASN A 294 -9.62 6.83 -3.45
N PHE A 295 -9.62 8.13 -3.13
CA PHE A 295 -9.27 9.15 -4.10
C PHE A 295 -7.80 9.06 -4.56
N LEU A 296 -6.85 8.71 -3.67
CA LEU A 296 -5.48 8.51 -4.12
C LEU A 296 -5.37 7.35 -5.06
N CYS A 297 -6.28 6.40 -4.92
CA CYS A 297 -6.27 5.31 -5.87
C CYS A 297 -6.93 5.63 -7.18
N SER A 298 -7.94 6.46 -7.16
CA SER A 298 -8.46 6.96 -8.41
C SER A 298 -7.35 7.64 -9.21
N LEU A 299 -6.57 8.50 -8.56
CA LEU A 299 -5.45 9.11 -9.26
C LEU A 299 -4.51 8.04 -9.83
N GLU A 300 -4.06 7.10 -9.01
CA GLU A 300 -3.04 6.17 -9.47
C GLU A 300 -3.48 5.36 -10.69
N SER A 301 -4.79 5.39 -10.99
CA SER A 301 -5.45 4.59 -12.02
C SER A 301 -5.63 5.33 -13.33
N ASN A 302 -5.53 6.64 -13.33
CA ASN A 302 -5.58 7.40 -14.54
C ASN A 302 -4.26 7.26 -15.25
N PRO A 303 -4.23 7.65 -16.51
CA PRO A 303 -2.99 7.68 -17.25
C PRO A 303 -2.02 8.67 -16.63
N SER A 304 -0.75 8.33 -16.74
CA SER A 304 0.32 9.16 -16.22
C SER A 304 0.35 10.56 -16.85
N VAL A 305 0.03 11.60 -16.07
CA VAL A 305 0.26 12.97 -16.53
C VAL A 305 1.71 13.14 -17.03
N ARG A 306 2.65 12.50 -16.37
CA ARG A 306 4.05 12.75 -16.67
C ARG A 306 4.47 12.08 -17.99
N GLU A 307 4.00 10.86 -18.25
CA GLU A 307 4.33 10.27 -19.54
C GLU A 307 3.72 11.09 -20.65
N PHE A 308 2.48 11.54 -20.45
CA PHE A 308 1.81 12.34 -21.45
C PHE A 308 2.64 13.57 -21.81
N VAL A 309 3.36 14.15 -20.87
CA VAL A 309 4.06 15.39 -21.23
C VAL A 309 5.38 15.11 -21.93
N LEU A 310 6.09 14.05 -21.53
CA LEU A 310 7.33 13.68 -22.18
C LEU A 310 7.11 13.27 -23.64
N SER A 311 6.02 12.57 -23.90
CA SER A 311 5.72 12.04 -25.22
C SER A 311 5.37 13.09 -26.25
N LYS A 312 5.13 14.33 -25.87
CA LYS A 312 4.57 15.29 -26.82
C LYS A 312 5.58 16.31 -27.30
N GLY A 313 6.82 16.27 -26.82
CA GLY A 313 7.81 17.19 -27.32
C GLY A 313 7.29 18.62 -27.45
N ASP A 314 6.84 19.18 -26.33
CA ASP A 314 6.03 20.40 -26.27
C ASP A 314 6.61 21.20 -25.12
N ALA A 315 7.31 22.30 -25.41
CA ALA A 315 8.15 22.93 -24.39
C ALA A 315 7.32 23.67 -23.35
N GLY A 316 6.29 24.41 -23.79
CA GLY A 316 5.39 25.03 -22.85
C GLY A 316 4.77 24.04 -21.89
N LEU A 317 4.41 22.88 -22.40
CA LEU A 317 3.80 21.83 -21.58
C LEU A 317 4.82 21.20 -20.64
N ARG A 318 6.05 20.97 -21.10
N ARG A 318 6.05 20.97 -21.11
CA ARG A 318 7.10 20.53 -20.20
CA ARG A 318 7.11 20.54 -20.20
C ARG A 318 7.40 21.57 -19.12
C ARG A 318 7.32 21.56 -19.09
N GLU A 319 7.20 22.85 -19.41
CA GLU A 319 7.53 23.91 -18.44
C GLU A 319 6.46 24.00 -17.35
N ALA A 320 5.20 23.88 -17.74
CA ALA A 320 4.08 23.90 -16.81
C ALA A 320 4.14 22.71 -15.86
N TYR A 321 4.41 21.52 -16.41
CA TYR A 321 4.64 20.35 -15.57
C TYR A 321 5.79 20.60 -14.60
N ASP A 322 6.86 21.27 -15.07
CA ASP A 322 7.99 21.50 -14.18
C ASP A 322 7.64 22.55 -13.13
N ALA A 323 6.80 23.52 -13.48
CA ALA A 323 6.39 24.50 -12.49
C ALA A 323 5.78 23.79 -11.30
N CYS A 324 4.91 22.80 -11.55
CA CYS A 324 4.38 21.98 -10.49
C CYS A 324 5.50 21.29 -9.71
N VAL A 325 6.34 20.51 -10.41
CA VAL A 325 7.36 19.73 -9.72
C VAL A 325 8.26 20.65 -8.93
N LYS A 326 8.57 21.84 -9.49
CA LYS A 326 9.43 22.81 -8.81
C LYS A 326 8.76 23.40 -7.57
N ALA A 327 7.42 23.54 -7.57
CA ALA A 327 6.72 24.07 -6.40
C ALA A 327 6.73 23.07 -5.26
N LEU A 328 6.62 21.77 -5.57
CA LEU A 328 6.77 20.80 -4.50
C LEU A 328 8.18 20.79 -3.95
N VAL A 329 9.19 20.95 -4.80
CA VAL A 329 10.55 20.97 -4.26
C VAL A 329 10.71 22.17 -3.36
N SER A 330 10.14 23.30 -3.77
CA SER A 330 10.19 24.49 -2.94
C SER A 330 9.61 24.21 -1.55
N LEU A 331 8.34 23.76 -1.48
CA LEU A 331 7.70 23.43 -0.19
C LEU A 331 8.59 22.57 0.71
N ARG A 332 9.17 21.53 0.16
CA ARG A 332 9.96 20.55 0.89
C ARG A 332 11.35 21.06 1.27
N SER A 333 11.95 21.92 0.45
CA SER A 333 13.21 22.51 0.85
C SER A 333 13.00 23.52 1.96
N TYR A 334 11.87 24.21 1.94
CA TYR A 334 11.50 25.09 3.02
C TYR A 334 11.20 24.29 4.26
N HIS A 335 10.47 23.20 4.09
CA HIS A 335 10.10 22.33 5.19
C HIS A 335 11.33 21.71 5.84
N LEU A 336 12.34 21.37 5.05
CA LEU A 336 13.58 20.90 5.65
C LEU A 336 14.19 21.98 6.53
N GLN A 337 14.15 23.23 6.06
CA GLN A 337 14.65 24.35 6.86
C GLN A 337 13.87 24.47 8.18
N ILE A 338 12.57 24.15 8.20
CA ILE A 338 11.82 24.31 9.43
C ILE A 338 12.07 23.13 10.37
N VAL A 339 12.31 21.95 9.83
CA VAL A 339 12.78 20.87 10.68
C VAL A 339 14.11 21.25 11.32
N THR A 340 15.03 21.88 10.56
CA THR A 340 16.32 22.27 11.11
C THR A 340 16.14 23.19 12.32
N LYS A 341 15.26 24.17 12.19
CA LYS A 341 15.04 25.13 13.26
C LYS A 341 14.22 24.57 14.41
N TYR A 342 13.27 23.66 14.17
CA TYR A 342 12.29 23.29 15.19
C TYR A 342 12.49 21.93 15.82
N ILE A 343 13.36 21.10 15.25
CA ILE A 343 13.77 19.82 15.84
C ILE A 343 15.28 19.83 16.06
N LEU A 344 16.07 19.94 14.97
CA LEU A 344 17.51 19.68 15.07
C LEU A 344 18.20 20.60 16.07
N ILE A 345 17.97 21.89 15.97
CA ILE A 345 18.63 22.84 16.86
C ILE A 345 18.15 22.65 18.29
N PRO A 346 16.84 22.74 18.56
CA PRO A 346 16.37 22.46 19.94
C PRO A 346 16.90 21.18 20.54
N ALA A 347 16.98 20.11 19.75
CA ALA A 347 17.51 18.84 20.25
C ALA A 347 18.98 18.96 20.64
N SER A 348 19.73 19.86 19.98
CA SER A 348 21.14 20.09 20.30
C SER A 348 21.35 20.89 21.59
N GLN A 349 20.28 21.29 22.29
CA GLN A 349 20.34 21.94 23.61
C GLN A 349 19.77 21.04 24.70
N GLN A 350 20.14 19.76 24.68
CA GLN A 350 19.60 18.71 25.56
C GLN A 350 20.72 18.08 26.41
N PRO A 351 20.75 18.27 27.75
CA PRO A 351 21.80 17.62 28.57
C PRO A 351 22.15 16.16 28.20
N GLY A 370 23.01 13.18 10.20
CA GLY A 370 21.84 13.74 10.87
C GLY A 370 20.85 12.69 11.31
N THR A 371 19.72 13.08 11.94
CA THR A 371 18.75 12.07 12.35
C THR A 371 18.18 11.40 11.11
N ASP A 372 16.99 10.83 11.25
CA ASP A 372 16.47 9.86 10.30
C ASP A 372 14.93 9.69 10.29
N LEU A 373 14.05 10.68 10.02
CA LEU A 373 14.20 12.15 9.88
C LEU A 373 15.18 12.62 8.83
N MET A 374 15.04 13.89 8.47
CA MET A 374 16.10 14.58 7.72
C MET A 374 16.57 13.80 6.49
N ASN A 375 17.23 12.67 6.69
CA ASN A 375 17.55 11.85 5.53
C ASN A 375 16.29 11.26 4.91
N PHE A 376 15.26 11.05 5.73
CA PHE A 376 13.97 10.68 5.20
C PHE A 376 13.46 11.80 4.31
N LEU A 377 13.35 13.02 4.86
CA LEU A 377 12.78 14.13 4.11
C LEU A 377 13.62 14.47 2.88
N LYS A 378 14.93 14.28 2.93
CA LYS A 378 15.77 14.62 1.78
C LYS A 378 15.74 13.53 0.72
N THR A 379 15.28 12.33 1.09
CA THR A 379 14.95 11.31 0.11
C THR A 379 13.65 11.63 -0.61
N VAL A 380 12.67 12.14 0.12
CA VAL A 380 11.46 12.60 -0.56
C VAL A 380 11.77 13.85 -1.39
N ARG A 381 12.58 14.76 -0.87
CA ARG A 381 12.92 15.95 -1.65
C ARG A 381 13.62 15.51 -2.93
N SER A 382 14.57 14.58 -2.78
CA SER A 382 15.36 14.13 -3.91
C SER A 382 14.50 13.47 -4.98
N THR A 383 13.53 12.65 -4.56
CA THR A 383 12.69 11.93 -5.52
C THR A 383 11.83 12.91 -6.32
N THR A 384 11.25 13.91 -5.63
CA THR A 384 10.60 15.05 -6.28
C THR A 384 11.53 15.74 -7.30
N GLU A 385 12.66 16.25 -6.82
CA GLU A 385 13.56 17.00 -7.69
C GLU A 385 13.92 16.20 -8.96
N LYS A 386 14.10 14.88 -8.82
CA LYS A 386 14.54 14.05 -9.94
C LYS A 386 13.45 13.76 -10.94
N SER A 387 12.23 14.23 -10.69
CA SER A 387 11.13 14.15 -11.63
C SER A 387 11.05 15.35 -12.55
N LEU A 388 11.91 16.34 -12.38
CA LEU A 388 11.94 17.40 -13.38
C LEU A 388 12.26 16.82 -14.74
N LEU A 389 11.60 17.33 -15.77
CA LEU A 389 11.93 16.93 -17.14
C LEU A 389 13.23 17.58 -17.59
N LYS A 390 13.26 18.91 -17.57
CA LYS A 390 14.46 19.71 -17.74
C LYS A 390 14.77 20.37 -16.39
N GLU A 391 15.97 20.11 -15.84
CA GLU A 391 16.45 20.71 -14.56
C GLU A 391 16.00 22.18 -14.34
N SER B 1 -11.45 -4.22 -17.74
CA SER B 1 -11.29 -3.49 -18.99
C SER B 1 -9.83 -3.59 -19.48
N LYS B 2 -9.42 -2.68 -20.37
CA LYS B 2 -8.04 -2.65 -20.86
C LYS B 2 -7.18 -1.61 -20.14
N GLU B 3 -7.78 -0.71 -19.35
CA GLU B 3 -7.03 0.17 -18.44
C GLU B 3 -6.65 -0.52 -17.12
N TYR B 4 -7.24 -1.69 -16.81
CA TYR B 4 -6.73 -2.58 -15.75
C TYR B 4 -5.94 -3.76 -16.30
N HIS B 5 -6.02 -4.05 -17.60
CA HIS B 5 -5.24 -5.11 -18.25
C HIS B 5 -5.66 -6.48 -17.69
N ILE B 6 -6.97 -6.71 -17.73
CA ILE B 6 -7.59 -8.00 -17.42
C ILE B 6 -8.07 -8.57 -18.73
N ASP B 7 -7.59 -9.75 -19.07
CA ASP B 7 -8.03 -10.44 -20.27
C ASP B 7 -9.31 -11.20 -19.96
N GLU B 8 -10.25 -11.23 -20.93
CA GLU B 8 -11.46 -12.02 -20.72
C GLU B 8 -11.11 -13.47 -20.41
N GLU B 9 -10.13 -14.02 -21.14
CA GLU B 9 -9.84 -15.45 -21.07
C GLU B 9 -9.00 -15.80 -19.85
N VAL B 10 -7.81 -15.20 -19.75
CA VAL B 10 -6.80 -15.60 -18.76
C VAL B 10 -6.67 -14.58 -17.61
N GLY B 11 -7.68 -13.75 -17.37
CA GLY B 11 -7.71 -12.81 -16.26
C GLY B 11 -6.44 -11.99 -16.06
N PHE B 12 -5.68 -12.23 -14.99
CA PHE B 12 -4.52 -11.37 -14.73
C PHE B 12 -3.27 -11.82 -15.47
N ALA B 13 -3.22 -13.07 -15.91
CA ALA B 13 -2.15 -13.57 -16.75
C ALA B 13 -1.98 -12.68 -17.98
N LEU B 14 -0.75 -12.66 -18.52
CA LEU B 14 -0.43 -11.99 -19.78
C LEU B 14 -0.91 -12.90 -20.90
N PRO B 15 -1.88 -12.48 -21.68
CA PRO B 15 -2.34 -13.33 -22.80
C PRO B 15 -1.29 -13.40 -23.91
N ASN B 16 -1.02 -14.62 -24.38
CA ASN B 16 -0.07 -14.92 -25.44
C ASN B 16 1.26 -14.19 -25.25
N PRO B 17 2.04 -14.59 -24.24
CA PRO B 17 3.32 -13.94 -24.01
C PRO B 17 4.21 -14.08 -25.23
N GLN B 18 5.16 -13.16 -25.33
CA GLN B 18 6.14 -13.25 -26.40
C GLN B 18 7.14 -14.36 -26.06
N GLU B 19 7.56 -15.11 -27.08
CA GLU B 19 8.56 -16.14 -26.89
C GLU B 19 9.97 -15.70 -27.23
N ASN B 20 10.12 -14.64 -28.04
CA ASN B 20 11.41 -14.31 -28.62
C ASN B 20 11.60 -12.80 -28.56
N LEU B 21 12.83 -12.39 -28.26
CA LEU B 21 13.11 -10.97 -28.22
C LEU B 21 13.70 -10.55 -29.55
N PRO B 22 13.68 -9.26 -29.86
CA PRO B 22 14.56 -8.72 -30.91
C PRO B 22 15.92 -9.40 -31.00
N ASP B 23 16.41 -9.57 -32.24
CA ASP B 23 17.75 -10.15 -32.47
C ASP B 23 18.82 -9.48 -31.64
N PHE B 24 18.65 -8.19 -31.35
CA PHE B 24 19.62 -7.44 -30.56
C PHE B 24 19.87 -8.09 -29.21
N TYR B 25 18.93 -8.90 -28.72
CA TYR B 25 19.00 -9.41 -27.37
C TYR B 25 19.38 -10.90 -27.31
N ASN B 26 19.96 -11.43 -28.39
CA ASN B 26 20.32 -12.84 -28.42
C ASN B 26 21.27 -13.23 -27.28
N ASP B 27 22.17 -12.35 -26.88
CA ASP B 27 23.06 -12.74 -25.80
C ASP B 27 22.29 -13.00 -24.51
N TRP B 28 21.20 -12.28 -24.27
CA TRP B 28 20.38 -12.53 -23.08
C TRP B 28 19.61 -13.82 -23.24
N MET B 29 19.00 -14.01 -24.41
CA MET B 29 18.16 -15.17 -24.64
C MET B 29 18.98 -16.45 -24.60
N PHE B 30 20.23 -16.41 -25.10
CA PHE B 30 21.07 -17.57 -24.95
C PHE B 30 21.20 -17.99 -23.48
N ILE B 31 21.46 -17.02 -22.58
CA ILE B 31 21.69 -17.39 -21.19
C ILE B 31 20.42 -17.95 -20.54
N ALA B 32 19.25 -17.36 -20.82
CA ALA B 32 18.05 -17.79 -20.12
C ALA B 32 17.64 -19.18 -20.59
N LYS B 33 17.80 -19.42 -21.91
CA LYS B 33 17.26 -20.61 -22.54
C LYS B 33 18.11 -21.81 -22.21
N HIS B 34 19.27 -21.55 -21.60
CA HIS B 34 20.25 -22.59 -21.28
C HIS B 34 20.73 -22.48 -19.84
N LEU B 35 19.93 -21.87 -18.96
CA LEU B 35 20.27 -21.81 -17.54
C LEU B 35 20.63 -23.15 -16.95
N PRO B 36 19.89 -24.24 -17.23
CA PRO B 36 20.24 -25.51 -16.60
C PRO B 36 21.57 -26.03 -17.10
N ASP B 37 21.82 -25.87 -18.39
CA ASP B 37 23.10 -26.30 -18.93
C ASP B 37 24.24 -25.43 -18.38
N LEU B 38 24.10 -24.11 -18.50
CA LEU B 38 25.15 -23.20 -17.99
C LEU B 38 25.39 -23.37 -16.48
N ILE B 39 24.36 -23.60 -15.67
CA ILE B 39 24.60 -23.79 -14.24
C ILE B 39 25.38 -25.08 -14.00
N GLU B 40 24.97 -26.17 -14.67
CA GLU B 40 25.49 -27.48 -14.30
C GLU B 40 26.97 -27.57 -14.59
N SER B 41 27.42 -26.84 -15.63
CA SER B 41 28.80 -26.77 -16.11
C SER B 41 29.59 -25.60 -15.53
N GLY B 42 29.08 -24.93 -14.51
CA GLY B 42 29.75 -23.85 -13.80
C GLY B 42 30.18 -22.73 -14.72
N GLN B 43 29.35 -22.40 -15.68
CA GLN B 43 29.70 -21.37 -16.65
C GLN B 43 28.68 -20.26 -16.73
N LEU B 44 27.54 -20.39 -16.03
CA LEU B 44 26.56 -19.31 -16.00
C LEU B 44 27.19 -18.02 -15.48
N ARG B 45 27.82 -18.07 -14.31
CA ARG B 45 28.36 -16.84 -13.75
C ARG B 45 29.35 -16.19 -14.71
N GLU B 46 30.19 -17.00 -15.36
CA GLU B 46 31.13 -16.42 -16.31
C GLU B 46 30.40 -15.77 -17.49
N ARG B 47 29.44 -16.48 -18.08
CA ARG B 47 28.75 -15.91 -19.24
C ARG B 47 28.06 -14.58 -18.94
N VAL B 48 27.59 -14.40 -17.71
CA VAL B 48 26.87 -13.17 -17.36
C VAL B 48 27.87 -12.03 -17.30
N GLU B 49 29.00 -12.28 -16.63
CA GLU B 49 30.09 -11.32 -16.49
C GLU B 49 30.73 -10.88 -17.82
N LYS B 50 30.63 -11.69 -18.88
CA LYS B 50 31.22 -11.33 -20.16
C LYS B 50 30.20 -10.69 -21.09
N LEU B 51 29.00 -10.40 -20.58
CA LEU B 51 27.98 -9.69 -21.34
C LEU B 51 28.32 -8.21 -21.46
N ASN B 52 27.81 -7.59 -22.51
CA ASN B 52 27.92 -6.16 -22.73
C ASN B 52 26.61 -5.50 -22.38
N MET B 53 26.66 -4.46 -21.56
CA MET B 53 25.46 -3.70 -21.22
C MET B 53 24.69 -3.32 -22.47
N LEU B 54 23.44 -3.78 -22.56
CA LEU B 54 22.59 -3.60 -23.72
C LEU B 54 21.41 -2.69 -23.37
N SER B 55 21.03 -1.81 -24.30
CA SER B 55 20.01 -0.83 -23.97
C SER B 55 18.63 -1.47 -24.10
N ILE B 56 17.72 -1.00 -23.24
CA ILE B 56 16.35 -1.48 -23.28
C ILE B 56 15.52 -0.71 -24.29
N ASP B 57 16.14 0.22 -25.02
CA ASP B 57 15.36 1.16 -25.84
C ASP B 57 14.66 0.43 -26.98
N HIS B 58 15.19 -0.71 -27.44
CA HIS B 58 14.55 -1.51 -28.51
C HIS B 58 13.47 -2.50 -28.02
N LEU B 59 13.12 -2.50 -26.72
CA LEU B 59 11.99 -3.25 -26.18
C LEU B 59 10.77 -2.33 -26.29
N THR B 60 9.95 -2.57 -27.32
CA THR B 60 9.08 -1.51 -27.83
C THR B 60 7.68 -1.56 -27.24
N ASP B 61 7.10 -2.76 -27.16
CA ASP B 61 5.75 -2.97 -26.65
C ASP B 61 5.78 -3.55 -25.22
N HIS B 62 4.60 -3.91 -24.71
CA HIS B 62 4.53 -4.36 -23.32
C HIS B 62 4.95 -5.83 -23.20
N LYS B 63 4.62 -6.64 -24.20
CA LYS B 63 4.98 -8.04 -24.11
C LYS B 63 6.50 -8.23 -24.19
N SER B 64 7.18 -7.54 -25.13
CA SER B 64 8.64 -7.63 -25.20
C SER B 64 9.27 -7.22 -23.89
N GLN B 65 8.73 -6.18 -23.26
CA GLN B 65 9.22 -5.75 -21.96
C GLN B 65 8.99 -6.81 -20.88
N ARG B 66 7.89 -7.53 -20.96
CA ARG B 66 7.64 -8.56 -19.97
C ARG B 66 8.54 -9.77 -20.18
N LEU B 67 8.78 -10.16 -21.44
CA LEU B 67 9.73 -11.23 -21.69
C LEU B 67 11.12 -10.91 -21.16
N ALA B 68 11.59 -9.69 -21.42
CA ALA B 68 12.91 -9.32 -20.93
C ALA B 68 12.94 -9.37 -19.41
N ARG B 69 11.85 -8.94 -18.77
CA ARG B 69 11.79 -9.04 -17.31
C ARG B 69 11.88 -10.47 -16.84
N LEU B 70 11.26 -11.40 -17.57
CA LEU B 70 11.37 -12.80 -17.21
C LEU B 70 12.78 -13.34 -17.51
N VAL B 71 13.30 -13.01 -18.69
CA VAL B 71 14.65 -13.45 -19.07
C VAL B 71 15.68 -12.99 -18.06
N LEU B 72 15.72 -11.67 -17.83
CA LEU B 72 16.66 -11.12 -16.86
C LEU B 72 16.36 -11.60 -15.43
N GLY B 73 15.10 -11.83 -15.11
CA GLY B 73 14.82 -12.26 -13.76
C GLY B 73 15.41 -13.63 -13.51
N CYS B 74 15.21 -14.52 -14.45
CA CYS B 74 15.70 -15.88 -14.28
C CYS B 74 17.22 -15.90 -14.27
N ILE B 75 17.84 -15.17 -15.21
CA ILE B 75 19.29 -15.07 -15.21
C ILE B 75 19.80 -14.60 -13.84
N THR B 76 19.24 -13.48 -13.36
CA THR B 76 19.59 -12.97 -12.04
C THR B 76 19.55 -14.05 -10.96
N MET B 77 18.43 -14.78 -10.82
CA MET B 77 18.38 -15.77 -9.76
C MET B 77 19.45 -16.84 -9.96
N ALA B 78 19.65 -17.29 -11.19
CA ALA B 78 20.76 -18.22 -11.48
C ALA B 78 22.10 -17.61 -11.07
N TYR B 79 22.36 -16.36 -11.46
CA TYR B 79 23.59 -15.67 -11.07
C TYR B 79 23.78 -15.64 -9.55
N VAL B 80 22.81 -15.05 -8.83
CA VAL B 80 22.87 -14.92 -7.37
C VAL B 80 23.04 -16.28 -6.69
N TRP B 81 22.18 -17.28 -7.01
CA TRP B 81 22.24 -18.54 -6.25
C TRP B 81 23.22 -19.55 -6.83
N GLY B 82 23.60 -19.41 -8.09
CA GLY B 82 24.56 -20.33 -8.64
C GLY B 82 23.97 -21.72 -8.67
N LYS B 83 24.77 -22.70 -8.24
CA LYS B 83 24.32 -24.09 -8.20
C LYS B 83 23.42 -24.35 -7.01
N GLY B 84 23.21 -23.35 -6.15
CA GLY B 84 22.29 -23.45 -5.04
C GLY B 84 22.82 -24.24 -3.88
N HIS B 85 24.15 -24.30 -3.73
CA HIS B 85 24.83 -25.09 -2.72
C HIS B 85 25.39 -24.23 -1.61
N GLY B 86 25.45 -22.92 -1.82
CA GLY B 86 26.00 -21.99 -0.85
C GLY B 86 26.84 -20.87 -1.44
N ASP B 87 27.61 -21.18 -2.49
CA ASP B 87 28.45 -20.21 -3.19
C ASP B 87 27.58 -19.11 -3.79
N VAL B 88 27.30 -18.00 -3.07
CA VAL B 88 26.37 -17.00 -3.59
C VAL B 88 27.16 -15.77 -4.02
N ARG B 89 26.57 -14.97 -4.90
CA ARG B 89 27.14 -13.70 -5.37
C ARG B 89 26.28 -12.56 -4.84
N LYS B 90 26.92 -11.57 -4.20
CA LYS B 90 26.20 -10.52 -3.50
C LYS B 90 26.20 -9.25 -4.29
N VAL B 91 26.57 -9.32 -5.57
CA VAL B 91 26.60 -8.17 -6.44
C VAL B 91 26.24 -8.63 -7.83
N LEU B 92 25.35 -7.89 -8.48
CA LEU B 92 24.90 -8.28 -9.80
C LEU B 92 25.56 -7.37 -10.84
N PRO B 93 26.36 -7.91 -11.76
CA PRO B 93 27.19 -7.06 -12.63
C PRO B 93 26.40 -5.95 -13.32
N ARG B 94 27.08 -4.82 -13.55
CA ARG B 94 26.38 -3.67 -14.13
C ARG B 94 25.73 -4.01 -15.47
N ASN B 95 26.41 -4.77 -16.31
CA ASN B 95 25.94 -4.92 -17.69
C ASN B 95 24.59 -5.64 -17.75
N ILE B 96 24.19 -6.28 -16.65
CA ILE B 96 22.89 -6.89 -16.51
C ILE B 96 22.00 -6.11 -15.52
N ALA B 97 22.53 -5.71 -14.36
CA ALA B 97 21.75 -5.01 -13.35
C ALA B 97 21.13 -3.74 -13.88
N VAL B 98 21.80 -3.02 -14.77
CA VAL B 98 21.41 -1.66 -15.12
C VAL B 98 20.22 -1.79 -16.06
N PRO B 99 20.33 -2.49 -17.18
CA PRO B 99 19.12 -2.67 -17.99
C PRO B 99 18.00 -3.38 -17.26
N TYR B 100 18.32 -4.29 -16.32
CA TYR B 100 17.28 -4.91 -15.51
C TYR B 100 16.55 -3.86 -14.70
N CYS B 101 17.28 -3.12 -13.85
CA CYS B 101 16.68 -2.10 -12.99
C CYS B 101 16.03 -0.97 -13.81
N GLN B 102 16.52 -0.73 -15.02
CA GLN B 102 15.88 0.25 -15.87
C GLN B 102 14.50 -0.24 -16.29
N LEU B 103 14.45 -1.45 -16.81
CA LEU B 103 13.18 -2.05 -17.23
C LEU B 103 12.21 -2.21 -16.04
N SER B 104 12.76 -2.47 -14.86
CA SER B 104 11.92 -2.61 -13.69
C SER B 104 11.29 -1.28 -13.29
N LYS B 105 12.07 -0.19 -13.25
CA LYS B 105 11.44 1.12 -13.02
C LYS B 105 10.37 1.41 -14.07
N LYS B 106 10.62 1.04 -15.34
CA LYS B 106 9.69 1.37 -16.45
C LYS B 106 8.38 0.58 -16.36
N LEU B 107 8.37 -0.59 -15.73
CA LEU B 107 7.14 -1.36 -15.56
C LEU B 107 6.64 -1.31 -14.12
N GLU B 108 7.33 -0.57 -13.27
CA GLU B 108 6.93 -0.34 -11.90
C GLU B 108 6.84 -1.66 -11.16
N LEU B 109 7.73 -2.59 -11.51
CA LEU B 109 7.98 -3.79 -10.71
C LEU B 109 9.38 -3.73 -10.09
N PRO B 110 9.60 -4.42 -8.99
CA PRO B 110 10.94 -4.50 -8.41
C PRO B 110 11.87 -5.30 -9.30
N PRO B 111 13.12 -5.12 -9.18
CA PRO B 111 14.06 -5.90 -9.99
C PRO B 111 14.36 -7.24 -9.35
N ILE B 112 13.35 -8.10 -9.34
CA ILE B 112 13.52 -9.49 -8.95
C ILE B 112 12.46 -10.26 -9.68
N LEU B 113 12.71 -11.55 -9.87
CA LEU B 113 11.69 -12.40 -10.44
C LEU B 113 10.44 -12.39 -9.54
N VAL B 114 9.30 -12.02 -10.11
CA VAL B 114 8.03 -12.06 -9.42
C VAL B 114 7.09 -13.09 -10.09
N TYR B 115 6.09 -13.51 -9.31
CA TYR B 115 4.98 -14.31 -9.83
C TYR B 115 4.54 -13.91 -11.24
N ALA B 116 4.24 -12.62 -11.44
CA ALA B 116 3.83 -12.14 -12.73
C ALA B 116 4.88 -12.39 -13.82
N ASP B 117 6.12 -12.75 -13.47
CA ASP B 117 7.12 -13.15 -14.46
C ASP B 117 7.07 -14.65 -14.72
N CYS B 118 7.45 -15.45 -13.70
CA CYS B 118 7.64 -16.88 -13.84
C CYS B 118 6.33 -17.69 -13.92
N VAL B 119 5.18 -17.08 -13.72
CA VAL B 119 3.90 -17.75 -13.91
C VAL B 119 3.17 -16.97 -14.98
N LEU B 120 2.88 -15.70 -14.74
CA LEU B 120 1.90 -15.06 -15.62
C LEU B 120 2.45 -14.74 -17.01
N ALA B 121 3.78 -14.72 -17.18
CA ALA B 121 4.36 -14.35 -18.48
C ALA B 121 5.23 -15.46 -19.03
N ASN B 122 5.22 -16.62 -18.36
CA ASN B 122 6.14 -17.72 -18.57
C ASN B 122 5.46 -18.96 -19.14
N TRP B 123 4.71 -18.82 -20.23
CA TRP B 123 3.96 -19.95 -20.75
C TRP B 123 3.65 -19.74 -22.22
N LYS B 124 3.52 -20.85 -22.96
CA LYS B 124 3.16 -20.82 -24.37
C LYS B 124 2.12 -21.91 -24.63
N LYS B 125 1.30 -21.69 -25.65
CA LYS B 125 0.44 -22.76 -26.18
C LYS B 125 1.27 -23.57 -27.17
N LYS B 126 1.34 -24.89 -26.95
CA LYS B 126 1.99 -25.79 -27.94
C LYS B 126 1.33 -25.59 -29.31
N ASP B 127 -0.01 -25.71 -29.37
CA ASP B 127 -0.83 -25.51 -30.57
C ASP B 127 -1.81 -24.34 -30.40
N PRO B 128 -1.64 -23.21 -31.11
CA PRO B 128 -2.56 -22.06 -30.90
C PRO B 128 -4.05 -22.40 -30.92
N ASN B 129 -4.47 -23.41 -31.69
CA ASN B 129 -5.88 -23.62 -31.98
C ASN B 129 -6.49 -24.70 -31.11
N LYS B 130 -5.77 -25.14 -30.09
CA LYS B 130 -6.29 -25.97 -29.01
C LYS B 130 -6.48 -25.13 -27.75
N PRO B 131 -7.18 -25.65 -26.76
CA PRO B 131 -7.53 -24.87 -25.56
C PRO B 131 -6.37 -24.77 -24.55
N LEU B 132 -6.63 -24.05 -23.46
CA LEU B 132 -5.62 -23.82 -22.44
C LEU B 132 -5.66 -24.96 -21.44
N THR B 133 -4.96 -26.04 -21.79
CA THR B 133 -4.80 -27.23 -20.94
C THR B 133 -3.34 -27.55 -20.71
N TYR B 134 -3.06 -28.13 -19.54
CA TYR B 134 -1.72 -28.57 -19.22
C TYR B 134 -1.04 -29.21 -20.43
N GLU B 135 -1.82 -30.02 -21.17
CA GLU B 135 -1.30 -30.89 -22.23
C GLU B 135 -0.88 -30.11 -23.47
N ASN B 136 -1.50 -28.96 -23.70
CA ASN B 136 -1.19 -28.06 -24.80
C ASN B 136 -0.34 -26.85 -24.36
N MET B 137 0.39 -26.95 -23.24
CA MET B 137 1.17 -25.81 -22.74
C MET B 137 2.60 -26.19 -22.36
N ASP B 138 3.44 -25.17 -22.36
CA ASP B 138 4.79 -25.26 -21.83
C ASP B 138 5.17 -23.93 -21.20
N VAL B 139 6.25 -23.96 -20.40
CA VAL B 139 6.88 -22.76 -19.85
C VAL B 139 7.95 -22.28 -20.80
N LEU B 140 8.32 -21.01 -20.66
CA LEU B 140 9.39 -20.48 -21.49
C LEU B 140 10.76 -20.78 -20.91
N PHE B 141 10.90 -20.80 -19.57
CA PHE B 141 12.22 -20.87 -18.92
C PHE B 141 12.19 -21.74 -17.67
N SER B 142 13.34 -22.36 -17.39
CA SER B 142 13.52 -23.22 -16.21
C SER B 142 14.85 -22.90 -15.59
N PHE B 143 15.12 -23.49 -14.43
CA PHE B 143 16.38 -23.25 -13.77
C PHE B 143 17.32 -24.43 -13.88
N ARG B 144 16.85 -25.63 -13.53
CA ARG B 144 17.71 -26.79 -13.38
C ARG B 144 17.04 -27.99 -14.04
N ASP B 145 17.83 -28.94 -14.50
CA ASP B 145 17.19 -30.05 -15.18
C ASP B 145 16.47 -30.88 -14.14
N GLY B 146 15.23 -31.25 -14.47
CA GLY B 146 14.33 -31.97 -13.58
C GLY B 146 13.87 -31.16 -12.38
N ASP B 147 13.85 -29.83 -12.47
CA ASP B 147 13.45 -29.01 -11.31
C ASP B 147 11.93 -28.97 -11.14
N CYS B 148 11.20 -29.49 -12.12
CA CYS B 148 9.76 -29.54 -12.01
C CYS B 148 9.19 -28.12 -11.95
N SER B 149 9.81 -27.22 -12.73
CA SER B 149 9.24 -25.88 -12.89
C SER B 149 8.07 -25.89 -13.88
N LYS B 150 8.13 -26.70 -14.93
CA LYS B 150 6.96 -26.77 -15.82
C LYS B 150 5.68 -27.05 -15.03
N GLY B 151 5.71 -28.03 -14.15
CA GLY B 151 4.49 -28.38 -13.45
C GLY B 151 4.08 -27.32 -12.45
N PHE B 152 5.02 -26.83 -11.65
CA PHE B 152 4.67 -25.82 -10.65
C PHE B 152 4.09 -24.57 -11.29
N PHE B 153 4.82 -23.96 -12.25
CA PHE B 153 4.32 -22.73 -12.85
C PHE B 153 2.99 -22.97 -13.55
N LEU B 154 2.90 -24.00 -14.38
CA LEU B 154 1.70 -24.20 -15.19
C LEU B 154 0.49 -24.63 -14.34
N VAL B 155 0.70 -25.39 -13.28
CA VAL B 155 -0.43 -25.68 -12.41
C VAL B 155 -0.87 -24.40 -11.71
N SER B 156 0.11 -23.67 -11.18
CA SER B 156 -0.16 -22.34 -10.61
C SER B 156 -0.91 -21.47 -11.59
N LEU B 157 -0.52 -21.54 -12.85
CA LEU B 157 -1.08 -20.67 -13.87
C LEU B 157 -2.49 -21.09 -14.18
N LEU B 158 -2.71 -22.38 -14.34
CA LEU B 158 -4.07 -22.82 -14.69
C LEU B 158 -5.04 -22.58 -13.54
N VAL B 159 -4.64 -22.87 -12.30
CA VAL B 159 -5.49 -22.49 -11.17
C VAL B 159 -5.83 -21.00 -11.21
N GLU B 160 -4.83 -20.13 -11.47
CA GLU B 160 -5.08 -18.71 -11.73
C GLU B 160 -6.19 -18.50 -12.73
N ILE B 161 -6.05 -19.10 -13.92
CA ILE B 161 -6.99 -18.83 -15.01
C ILE B 161 -8.38 -19.36 -14.69
N ALA B 162 -8.49 -20.47 -13.95
CA ALA B 162 -9.80 -20.91 -13.52
C ALA B 162 -10.42 -19.86 -12.61
N ALA B 163 -9.66 -19.42 -11.60
CA ALA B 163 -10.13 -18.36 -10.71
C ALA B 163 -10.45 -17.10 -11.48
N ALA B 164 -9.59 -16.70 -12.40
CA ALA B 164 -9.86 -15.59 -13.32
C ALA B 164 -11.30 -15.53 -13.84
N SER B 165 -11.85 -16.69 -14.23
CA SER B 165 -13.17 -16.72 -14.89
C SER B 165 -14.21 -15.98 -14.10
N ALA B 166 -13.93 -15.67 -12.83
CA ALA B 166 -14.91 -14.98 -12.00
C ALA B 166 -14.71 -13.47 -11.94
N ILE B 167 -13.56 -12.94 -12.33
CA ILE B 167 -13.37 -11.48 -12.30
C ILE B 167 -14.36 -10.79 -13.22
N LYS B 168 -14.56 -11.34 -14.43
CA LYS B 168 -15.63 -10.96 -15.36
C LYS B 168 -16.89 -10.47 -14.64
N VAL B 169 -17.26 -11.19 -13.58
CA VAL B 169 -18.53 -11.05 -12.91
C VAL B 169 -18.52 -9.89 -11.93
N ILE B 170 -17.34 -9.48 -11.47
CA ILE B 170 -17.28 -8.55 -10.34
C ILE B 170 -18.03 -7.26 -10.60
N PRO B 171 -17.91 -6.59 -11.74
CA PRO B 171 -18.75 -5.40 -11.96
C PRO B 171 -20.25 -5.72 -11.93
N THR B 172 -20.65 -6.95 -12.30
CA THR B 172 -22.04 -7.37 -12.22
C THR B 172 -22.53 -7.40 -10.78
N VAL B 173 -21.69 -7.86 -9.85
CA VAL B 173 -22.00 -7.77 -8.44
C VAL B 173 -22.30 -6.33 -8.07
N PHE B 174 -21.32 -5.45 -8.25
CA PHE B 174 -21.47 -4.09 -7.76
C PHE B 174 -22.62 -3.34 -8.44
N LYS B 175 -22.93 -3.69 -9.68
CA LYS B 175 -24.05 -3.03 -10.33
C LYS B 175 -25.36 -3.56 -9.75
N ALA B 176 -25.43 -4.86 -9.50
CA ALA B 176 -26.65 -5.42 -8.93
C ALA B 176 -26.92 -4.84 -7.55
N MET B 177 -25.88 -4.57 -6.76
CA MET B 177 -26.10 -3.97 -5.44
C MET B 177 -26.54 -2.51 -5.60
N GLN B 178 -25.92 -1.77 -6.51
CA GLN B 178 -26.36 -0.41 -6.80
C GLN B 178 -27.81 -0.40 -7.30
N MET B 179 -28.10 -1.21 -8.31
CA MET B 179 -29.44 -1.26 -8.89
C MET B 179 -30.42 -2.07 -8.07
N GLN B 180 -29.99 -2.62 -6.94
CA GLN B 180 -30.86 -3.39 -6.05
C GLN B 180 -31.66 -4.38 -6.90
N GLU B 181 -30.88 -5.27 -7.49
CA GLU B 181 -31.35 -6.38 -8.32
C GLU B 181 -30.89 -7.61 -7.55
N ARG B 182 -31.81 -8.18 -6.79
CA ARG B 182 -31.48 -9.28 -5.89
C ARG B 182 -31.23 -10.55 -6.66
N ASP B 183 -31.99 -10.78 -7.73
CA ASP B 183 -31.85 -12.05 -8.42
C ASP B 183 -30.51 -12.13 -9.17
N THR B 184 -30.06 -11.04 -9.81
CA THR B 184 -28.80 -11.17 -10.51
C THR B 184 -27.63 -11.16 -9.51
N LEU B 185 -27.71 -10.41 -8.41
CA LEU B 185 -26.65 -10.48 -7.42
C LEU B 185 -26.44 -11.91 -6.95
N LEU B 186 -27.53 -12.67 -6.76
CA LEU B 186 -27.41 -14.05 -6.34
C LEU B 186 -26.87 -14.92 -7.46
N LYS B 187 -27.27 -14.67 -8.70
CA LYS B 187 -26.74 -15.49 -9.77
C LYS B 187 -25.24 -15.27 -9.90
N ALA B 188 -24.81 -14.00 -9.82
CA ALA B 188 -23.40 -13.69 -9.91
C ALA B 188 -22.59 -14.31 -8.78
N LEU B 189 -23.07 -14.21 -7.52
CA LEU B 189 -22.29 -14.80 -6.43
C LEU B 189 -22.07 -16.30 -6.63
N LEU B 190 -23.05 -16.99 -7.23
CA LEU B 190 -22.94 -18.43 -7.45
C LEU B 190 -22.11 -18.72 -8.67
N GLU B 191 -22.07 -17.80 -9.62
CA GLU B 191 -21.19 -17.98 -10.76
C GLU B 191 -19.74 -17.76 -10.35
N ILE B 192 -19.50 -16.90 -9.34
CA ILE B 192 -18.17 -16.80 -8.73
C ILE B 192 -17.85 -18.07 -7.94
N ALA B 193 -18.72 -18.47 -7.00
CA ALA B 193 -18.48 -19.70 -6.25
C ALA B 193 -18.17 -20.88 -7.15
N SER B 194 -18.76 -20.92 -8.34
CA SER B 194 -18.56 -22.06 -9.24
C SER B 194 -17.17 -22.01 -9.87
N CYS B 195 -16.72 -20.80 -10.23
CA CYS B 195 -15.36 -20.62 -10.73
C CYS B 195 -14.34 -20.93 -9.65
N LEU B 196 -14.60 -20.54 -8.41
CA LEU B 196 -13.67 -20.87 -7.33
C LEU B 196 -13.68 -22.36 -7.00
N GLU B 197 -14.81 -23.04 -7.17
CA GLU B 197 -14.82 -24.49 -6.98
C GLU B 197 -14.08 -25.19 -8.12
N LYS B 198 -14.16 -24.66 -9.35
CA LYS B 198 -13.36 -25.12 -10.50
C LYS B 198 -11.86 -25.01 -10.24
N ALA B 199 -11.42 -23.94 -9.59
CA ALA B 199 -10.01 -23.75 -9.32
C ALA B 199 -9.46 -24.83 -8.41
N LEU B 200 -10.26 -25.32 -7.47
CA LEU B 200 -9.82 -26.44 -6.63
C LEU B 200 -9.65 -27.71 -7.45
N GLN B 201 -10.60 -28.00 -8.35
CA GLN B 201 -10.48 -29.21 -9.16
C GLN B 201 -9.20 -29.20 -9.99
N VAL B 202 -8.88 -28.04 -10.60
CA VAL B 202 -7.61 -27.85 -11.33
C VAL B 202 -6.40 -28.06 -10.42
N PHE B 203 -6.45 -27.57 -9.19
CA PHE B 203 -5.33 -27.70 -8.26
C PHE B 203 -5.00 -29.15 -7.97
N HIS B 204 -5.86 -30.11 -8.32
CA HIS B 204 -5.51 -31.52 -8.12
C HIS B 204 -4.35 -31.96 -9.02
N GLN B 205 -4.26 -31.43 -10.27
CA GLN B 205 -3.14 -31.80 -11.14
C GLN B 205 -1.76 -31.66 -10.50
N ILE B 206 -1.62 -30.90 -9.40
CA ILE B 206 -0.27 -30.65 -8.85
C ILE B 206 0.43 -31.96 -8.53
N HIS B 207 -0.35 -32.97 -8.15
CA HIS B 207 0.20 -34.22 -7.66
C HIS B 207 0.82 -35.03 -8.75
N ASP B 208 0.36 -34.80 -9.97
CA ASP B 208 0.83 -35.51 -11.14
C ASP B 208 2.11 -34.92 -11.72
N HIS B 209 2.37 -33.61 -11.56
CA HIS B 209 3.49 -32.96 -12.24
C HIS B 209 4.50 -32.28 -11.33
N VAL B 210 4.51 -32.57 -10.03
CA VAL B 210 5.47 -31.91 -9.14
C VAL B 210 5.96 -32.94 -8.12
N ASN B 211 7.22 -33.29 -8.20
CA ASN B 211 7.81 -34.19 -7.19
C ASN B 211 8.29 -33.38 -5.97
N PRO B 212 8.20 -33.87 -4.71
CA PRO B 212 8.57 -33.02 -3.55
C PRO B 212 10.07 -32.86 -3.21
N LYS B 213 10.96 -33.70 -3.76
CA LYS B 213 12.40 -33.41 -3.66
C LYS B 213 12.83 -32.39 -4.72
N ALA B 214 12.45 -32.62 -5.98
CA ALA B 214 12.69 -31.64 -7.06
C ALA B 214 12.09 -30.28 -6.73
N PHE B 215 11.02 -30.26 -5.96
CA PHE B 215 10.45 -29.01 -5.52
C PHE B 215 11.17 -28.47 -4.29
N PHE B 216 11.22 -29.28 -3.23
CA PHE B 216 11.70 -28.69 -1.99
C PHE B 216 13.14 -28.23 -2.16
N SER B 217 13.95 -29.01 -2.85
CA SER B 217 15.40 -28.86 -2.78
C SER B 217 15.98 -28.07 -3.96
N VAL B 218 15.16 -27.65 -4.93
CA VAL B 218 15.71 -27.07 -6.14
C VAL B 218 14.95 -25.87 -6.68
N LEU B 219 13.68 -26.04 -7.00
CA LEU B 219 12.93 -24.88 -7.46
C LEU B 219 12.80 -23.86 -6.34
N ARG B 220 12.86 -24.32 -5.10
CA ARG B 220 12.72 -23.41 -3.98
C ARG B 220 13.97 -22.59 -3.80
N ILE B 221 15.13 -23.14 -4.21
CA ILE B 221 16.37 -22.40 -4.01
C ILE B 221 16.40 -21.18 -4.89
N TYR B 222 15.98 -21.34 -6.16
CA TYR B 222 16.02 -20.26 -7.16
C TYR B 222 14.89 -19.26 -7.00
N LEU B 223 13.80 -19.61 -6.33
CA LEU B 223 12.79 -18.58 -6.15
C LEU B 223 13.08 -17.69 -4.96
N SER B 224 14.13 -17.98 -4.18
CA SER B 224 14.34 -17.23 -2.95
C SER B 224 14.81 -15.84 -3.27
N GLY B 225 14.25 -14.88 -2.55
CA GLY B 225 14.64 -13.50 -2.67
C GLY B 225 15.75 -13.16 -1.69
N TRP B 226 15.94 -11.85 -1.51
CA TRP B 226 16.93 -11.32 -0.57
C TRP B 226 16.30 -10.23 0.31
N LYS B 227 15.35 -10.63 1.15
CA LYS B 227 14.76 -9.71 2.13
C LYS B 227 14.66 -10.48 3.43
N GLY B 228 15.51 -10.12 4.38
CA GLY B 228 15.71 -10.93 5.57
C GLY B 228 16.19 -12.30 5.21
N ASN B 229 17.25 -12.36 4.41
CA ASN B 229 17.86 -13.63 4.05
C ASN B 229 19.22 -13.71 4.72
N PRO B 230 19.45 -14.67 5.60
CA PRO B 230 20.76 -14.75 6.25
C PRO B 230 21.88 -14.90 5.25
N GLN B 231 21.62 -15.53 4.10
CA GLN B 231 22.62 -15.69 3.03
C GLN B 231 22.90 -14.38 2.29
N LEU B 232 22.11 -13.32 2.51
CA LEU B 232 22.35 -12.03 1.87
C LEU B 232 21.90 -10.86 2.75
N SER B 233 22.05 -11.00 4.07
CA SER B 233 21.40 -10.20 5.11
C SER B 233 21.05 -8.74 4.74
N ASP B 234 21.86 -8.02 3.96
CA ASP B 234 21.60 -6.59 3.69
C ASP B 234 21.09 -6.34 2.27
N GLY B 235 20.94 -7.36 1.44
CA GLY B 235 20.29 -7.20 0.15
C GLY B 235 21.17 -7.69 -0.97
N LEU B 236 21.01 -7.05 -2.12
CA LEU B 236 21.80 -7.35 -3.30
C LEU B 236 22.18 -6.05 -3.96
N VAL B 237 23.46 -5.86 -4.22
CA VAL B 237 23.92 -4.69 -4.98
C VAL B 237 23.47 -4.83 -6.44
N TYR B 238 22.78 -3.82 -6.94
CA TYR B 238 22.56 -3.71 -8.38
C TYR B 238 23.62 -2.77 -8.93
N GLU B 239 24.85 -3.25 -8.80
CA GLU B 239 26.02 -2.50 -9.23
C GLU B 239 25.69 -1.56 -10.39
N GLY B 240 26.04 -0.28 -10.23
CA GLY B 240 25.85 0.68 -11.27
C GLY B 240 24.45 1.27 -11.35
N PHE B 241 23.57 0.94 -10.41
CA PHE B 241 22.24 1.52 -10.49
C PHE B 241 21.83 2.06 -9.14
N TRP B 242 22.31 1.43 -8.08
CA TRP B 242 22.10 1.86 -6.72
C TRP B 242 23.38 1.54 -5.98
N GLU B 243 23.89 2.54 -5.25
CA GLU B 243 25.14 2.38 -4.52
C GLU B 243 25.01 1.29 -3.48
N ASP B 244 24.03 1.41 -2.60
CA ASP B 244 23.88 0.46 -1.50
C ASP B 244 23.03 -0.75 -1.94
N PRO B 245 23.22 -1.88 -1.29
CA PRO B 245 22.34 -3.02 -1.56
C PRO B 245 20.87 -2.77 -1.20
N LYS B 246 19.98 -3.44 -1.93
CA LYS B 246 18.54 -3.32 -1.78
C LYS B 246 17.93 -4.70 -1.51
N GLU B 247 16.96 -4.75 -0.60
CA GLU B 247 16.28 -5.99 -0.22
C GLU B 247 14.98 -6.11 -0.98
N PHE B 248 14.64 -7.34 -1.41
CA PHE B 248 13.41 -7.62 -2.14
C PHE B 248 13.00 -9.05 -1.87
N ALA B 249 11.70 -9.28 -1.71
CA ALA B 249 11.19 -10.60 -1.40
C ALA B 249 11.20 -11.50 -2.64
N GLY B 250 11.32 -12.80 -2.42
CA GLY B 250 11.17 -13.74 -3.51
C GLY B 250 9.75 -13.81 -4.05
N GLY B 251 9.64 -14.37 -5.24
CA GLY B 251 8.33 -14.58 -5.80
C GLY B 251 7.50 -15.41 -4.84
N SER B 252 6.18 -15.26 -4.88
CA SER B 252 5.18 -15.93 -4.04
C SER B 252 3.81 -15.83 -4.71
N ALA B 253 2.94 -16.80 -4.44
CA ALA B 253 1.56 -16.62 -4.90
C ALA B 253 0.82 -15.57 -4.09
N GLY B 254 1.41 -15.12 -2.98
CA GLY B 254 0.95 -13.89 -2.37
C GLY B 254 0.96 -12.70 -3.30
N GLN B 255 1.80 -12.74 -4.35
CA GLN B 255 1.79 -11.71 -5.38
C GLN B 255 0.70 -11.93 -6.45
N SER B 256 -0.14 -12.93 -6.29
CA SER B 256 -1.23 -13.17 -7.21
C SER B 256 -2.40 -12.25 -6.93
N SER B 257 -2.93 -11.63 -7.97
CA SER B 257 -4.02 -10.71 -7.75
C SER B 257 -5.39 -11.40 -7.64
N VAL B 258 -5.57 -12.63 -8.18
CA VAL B 258 -6.91 -13.25 -8.14
C VAL B 258 -7.35 -13.47 -6.70
N PHE B 259 -6.48 -14.08 -5.87
CA PHE B 259 -6.94 -14.51 -4.55
C PHE B 259 -7.06 -13.34 -3.59
N GLN B 260 -6.11 -12.42 -3.66
CA GLN B 260 -6.26 -11.15 -2.98
C GLN B 260 -7.54 -10.44 -3.40
N CYS B 261 -7.88 -10.48 -4.68
CA CYS B 261 -9.01 -9.67 -5.12
C CYS B 261 -10.34 -10.24 -4.61
N PHE B 262 -10.45 -11.57 -4.45
CA PHE B 262 -11.70 -12.12 -3.92
C PHE B 262 -11.79 -11.98 -2.43
N ASP B 263 -10.67 -11.98 -1.72
CA ASP B 263 -10.73 -11.62 -0.32
C ASP B 263 -11.28 -10.21 -0.14
N VAL B 264 -10.83 -9.29 -0.97
CA VAL B 264 -11.31 -7.91 -0.87
C VAL B 264 -12.82 -7.86 -1.16
N LEU B 265 -13.26 -8.51 -2.25
CA LEU B 265 -14.65 -8.47 -2.66
C LEU B 265 -15.56 -8.99 -1.58
N LEU B 266 -15.18 -10.11 -0.97
CA LEU B 266 -15.96 -10.81 0.05
C LEU B 266 -15.78 -10.24 1.45
N GLY B 267 -15.01 -9.16 1.59
CA GLY B 267 -14.76 -8.56 2.89
C GLY B 267 -13.95 -9.40 3.83
N ILE B 268 -13.12 -10.31 3.30
CA ILE B 268 -12.26 -11.14 4.12
C ILE B 268 -11.01 -10.32 4.38
N GLN B 269 -10.93 -9.68 5.54
CA GLN B 269 -9.99 -8.59 5.72
C GLN B 269 -8.63 -9.22 6.03
N GLN B 270 -8.01 -9.75 4.96
CA GLN B 270 -6.69 -10.36 5.03
C GLN B 270 -5.60 -9.36 5.32
N THR B 271 -5.80 -8.08 4.93
CA THR B 271 -4.84 -6.98 5.09
C THR B 271 -5.20 -6.00 6.21
N ALA B 272 -5.85 -6.48 7.27
CA ALA B 272 -6.22 -5.65 8.43
C ALA B 272 -5.68 -6.33 9.68
N GLY B 273 -6.18 -5.90 10.85
CA GLY B 273 -5.78 -6.44 12.14
C GLY B 273 -4.40 -5.96 12.59
N GLY B 274 -3.47 -5.86 11.61
CA GLY B 274 -2.13 -5.33 11.78
C GLY B 274 -1.03 -6.36 11.88
N GLY B 275 -1.33 -7.65 11.73
CA GLY B 275 -0.39 -8.72 12.02
C GLY B 275 0.69 -8.96 10.98
N HIS B 276 1.30 -10.14 11.03
CA HIS B 276 2.33 -10.47 10.05
C HIS B 276 1.70 -10.76 8.70
N ALA B 277 0.89 -11.83 8.63
CA ALA B 277 0.04 -12.13 7.49
C ALA B 277 -0.40 -10.90 6.70
N ALA B 278 -1.12 -9.99 7.36
CA ALA B 278 -1.66 -8.82 6.65
C ALA B 278 -0.55 -8.00 6.02
N GLN B 279 0.54 -7.77 6.76
CA GLN B 279 1.57 -6.85 6.27
C GLN B 279 2.34 -7.50 5.12
N PHE B 280 2.49 -8.83 5.16
CA PHE B 280 3.05 -9.56 4.04
C PHE B 280 2.17 -9.39 2.80
N LEU B 281 0.87 -9.65 2.92
CA LEU B 281 -0.01 -9.57 1.75
C LEU B 281 -0.17 -8.13 1.29
N GLN B 282 0.13 -7.17 2.15
CA GLN B 282 0.09 -5.78 1.74
C GLN B 282 1.36 -5.44 0.99
N ASP B 283 2.47 -6.04 1.38
CA ASP B 283 3.72 -5.74 0.69
C ASP B 283 3.71 -6.33 -0.70
N MET B 284 3.28 -7.60 -0.81
CA MET B 284 3.25 -8.31 -2.09
C MET B 284 2.47 -7.57 -3.16
N ARG B 285 1.63 -6.61 -2.80
CA ARG B 285 0.97 -5.81 -3.82
C ARG B 285 1.97 -4.89 -4.50
N ARG B 286 3.16 -4.70 -3.90
CA ARG B 286 4.16 -3.90 -4.59
C ARG B 286 4.92 -4.73 -5.62
N TYR B 287 4.73 -6.07 -5.62
CA TYR B 287 5.29 -6.96 -6.63
C TYR B 287 4.27 -7.34 -7.71
N MET B 288 3.15 -6.68 -7.80
CA MET B 288 2.24 -6.96 -8.88
C MET B 288 2.29 -5.85 -9.90
N PRO B 289 1.94 -6.12 -11.17
CA PRO B 289 1.93 -5.06 -12.17
C PRO B 289 1.09 -3.89 -11.71
N PRO B 290 1.51 -2.64 -11.98
CA PRO B 290 0.76 -1.50 -11.42
C PRO B 290 -0.74 -1.53 -11.71
N ALA B 291 -1.16 -1.88 -12.92
CA ALA B 291 -2.58 -1.89 -13.26
C ALA B 291 -3.36 -2.84 -12.36
N HIS B 292 -2.73 -3.95 -11.96
CA HIS B 292 -3.41 -4.92 -11.09
C HIS B 292 -3.46 -4.44 -9.66
N ARG B 293 -2.41 -3.74 -9.27
CA ARG B 293 -2.35 -3.10 -7.97
C ARG B 293 -3.48 -2.13 -7.83
N ASN B 294 -3.85 -1.55 -8.96
CA ASN B 294 -4.89 -0.54 -9.01
C ASN B 294 -6.27 -1.16 -9.05
N PHE B 295 -6.41 -2.36 -9.60
CA PHE B 295 -7.69 -3.06 -9.56
C PHE B 295 -8.03 -3.42 -8.12
N LEU B 296 -7.03 -3.79 -7.33
CA LEU B 296 -7.33 -4.18 -5.96
C LEU B 296 -7.81 -2.98 -5.16
N CYS B 297 -7.12 -1.86 -5.32
CA CYS B 297 -7.50 -0.64 -4.62
C CYS B 297 -8.88 -0.20 -5.06
N SER B 298 -9.20 -0.37 -6.34
CA SER B 298 -10.47 0.11 -6.84
C SER B 298 -11.62 -0.70 -6.24
N LEU B 299 -11.42 -2.02 -6.12
CA LEU B 299 -12.36 -2.85 -5.38
C LEU B 299 -12.58 -2.30 -3.98
N GLU B 300 -11.48 -2.10 -3.24
CA GLU B 300 -11.58 -1.60 -1.86
C GLU B 300 -12.50 -0.37 -1.76
N SER B 301 -12.55 0.44 -2.81
CA SER B 301 -13.40 1.63 -2.93
C SER B 301 -14.89 1.31 -3.10
N ASN B 302 -15.25 0.09 -3.42
CA ASN B 302 -16.64 -0.19 -3.70
C ASN B 302 -17.36 -0.54 -2.40
N PRO B 303 -18.69 -0.56 -2.45
CA PRO B 303 -19.46 -0.91 -1.26
C PRO B 303 -19.30 -2.38 -0.90
N SER B 304 -19.24 -2.66 0.39
CA SER B 304 -19.06 -4.04 0.87
C SER B 304 -20.16 -4.92 0.32
N VAL B 305 -19.75 -5.96 -0.41
CA VAL B 305 -20.67 -7.04 -0.73
C VAL B 305 -21.18 -7.72 0.55
N ARG B 306 -20.38 -7.71 1.61
CA ARG B 306 -20.75 -8.47 2.78
C ARG B 306 -21.81 -7.74 3.59
N GLU B 307 -21.56 -6.45 3.91
CA GLU B 307 -22.57 -5.70 4.63
C GLU B 307 -23.89 -5.75 3.87
N PHE B 308 -23.81 -5.77 2.54
CA PHE B 308 -25.02 -5.76 1.74
C PHE B 308 -25.81 -7.03 1.97
N VAL B 309 -25.15 -8.17 2.03
CA VAL B 309 -25.85 -9.44 2.18
C VAL B 309 -26.40 -9.62 3.60
N LEU B 310 -25.65 -9.19 4.63
CA LEU B 310 -26.11 -9.38 6.02
C LEU B 310 -27.41 -8.64 6.26
N SER B 311 -27.51 -7.44 5.75
CA SER B 311 -28.62 -6.54 5.92
C SER B 311 -29.87 -6.90 5.11
N LYS B 312 -30.04 -8.10 4.57
CA LYS B 312 -31.23 -8.35 3.77
C LYS B 312 -32.11 -9.48 4.27
N GLY B 313 -31.65 -10.28 5.22
CA GLY B 313 -32.51 -11.34 5.72
C GLY B 313 -32.93 -12.24 4.60
N ASP B 314 -31.97 -12.63 3.77
CA ASP B 314 -32.21 -13.34 2.52
C ASP B 314 -31.28 -14.52 2.55
N ALA B 315 -31.81 -15.68 2.92
CA ALA B 315 -31.01 -16.88 3.06
C ALA B 315 -30.47 -17.37 1.73
N GLY B 316 -31.22 -17.21 0.64
CA GLY B 316 -30.69 -17.63 -0.64
C GLY B 316 -29.42 -16.87 -1.00
N LEU B 317 -29.36 -15.61 -0.60
CA LEU B 317 -28.24 -14.72 -0.82
C LEU B 317 -27.12 -14.94 0.21
N ARG B 318 -27.46 -15.23 1.46
N ARG B 318 -27.46 -15.19 1.46
CA ARG B 318 -26.43 -15.62 2.42
CA ARG B 318 -26.43 -15.64 2.40
C ARG B 318 -25.77 -16.93 2.00
C ARG B 318 -25.75 -16.89 1.87
N GLU B 319 -26.55 -17.87 1.47
CA GLU B 319 -25.98 -19.14 1.03
C GLU B 319 -25.12 -18.94 -0.20
N ALA B 320 -25.39 -17.90 -1.01
CA ALA B 320 -24.61 -17.70 -2.22
C ALA B 320 -23.29 -17.04 -1.90
N TYR B 321 -23.30 -16.07 -0.98
CA TYR B 321 -22.06 -15.47 -0.49
C TYR B 321 -21.22 -16.48 0.23
N ASP B 322 -21.85 -17.28 1.09
CA ASP B 322 -21.17 -18.37 1.77
C ASP B 322 -20.62 -19.37 0.78
N ALA B 323 -21.31 -19.58 -0.34
CA ALA B 323 -20.75 -20.47 -1.34
C ALA B 323 -19.39 -19.95 -1.77
N CYS B 324 -19.31 -18.66 -2.04
CA CYS B 324 -18.04 -18.06 -2.41
C CYS B 324 -17.02 -18.23 -1.29
N VAL B 325 -17.34 -17.78 -0.07
CA VAL B 325 -16.36 -17.88 1.00
C VAL B 325 -15.99 -19.33 1.29
N LYS B 326 -16.88 -20.30 1.01
CA LYS B 326 -16.52 -21.70 1.26
C LYS B 326 -15.47 -22.18 0.26
N ALA B 327 -15.59 -21.77 -1.00
CA ALA B 327 -14.64 -22.24 -1.99
C ALA B 327 -13.22 -21.74 -1.68
N LEU B 328 -13.10 -20.55 -1.08
CA LEU B 328 -11.80 -20.05 -0.66
C LEU B 328 -11.24 -20.86 0.51
N VAL B 329 -12.09 -21.16 1.51
CA VAL B 329 -11.62 -22.04 2.60
C VAL B 329 -11.21 -23.39 2.03
N SER B 330 -11.96 -23.91 1.08
CA SER B 330 -11.65 -25.24 0.59
C SER B 330 -10.32 -25.25 -0.13
N LEU B 331 -10.04 -24.21 -0.95
CA LEU B 331 -8.74 -24.03 -1.58
C LEU B 331 -7.62 -23.90 -0.55
N ARG B 332 -7.75 -22.94 0.35
CA ARG B 332 -6.71 -22.71 1.33
C ARG B 332 -6.55 -23.85 2.33
N SER B 333 -7.46 -24.81 2.37
CA SER B 333 -7.27 -25.98 3.23
C SER B 333 -6.59 -27.09 2.44
N TYR B 334 -7.07 -27.36 1.23
CA TYR B 334 -6.32 -28.20 0.29
C TYR B 334 -4.91 -27.69 0.05
N HIS B 335 -4.68 -26.38 0.18
CA HIS B 335 -3.34 -25.84 -0.02
C HIS B 335 -2.44 -26.24 1.13
N LEU B 336 -2.91 -26.05 2.38
CA LEU B 336 -2.19 -26.48 3.58
C LEU B 336 -1.93 -27.96 3.60
N GLN B 337 -2.78 -28.75 2.94
CA GLN B 337 -2.44 -30.15 2.74
C GLN B 337 -1.22 -30.27 1.83
N ILE B 338 -1.27 -29.66 0.63
CA ILE B 338 -0.15 -29.75 -0.30
C ILE B 338 1.13 -29.18 0.31
N VAL B 339 1.02 -28.11 1.11
CA VAL B 339 2.21 -27.52 1.73
C VAL B 339 2.89 -28.48 2.70
N THR B 340 2.20 -29.57 3.09
CA THR B 340 2.80 -30.58 3.96
C THR B 340 3.56 -31.62 3.14
N LYS B 341 2.97 -32.05 2.02
CA LYS B 341 3.62 -33.02 1.15
C LYS B 341 4.86 -32.46 0.44
N TYR B 342 4.99 -31.15 0.32
CA TYR B 342 6.05 -30.58 -0.50
C TYR B 342 6.97 -29.67 0.29
N ILE B 343 6.81 -29.57 1.61
CA ILE B 343 7.68 -28.69 2.38
C ILE B 343 7.92 -29.26 3.76
N LEU B 344 6.85 -29.53 4.51
CA LEU B 344 7.04 -29.99 5.90
C LEU B 344 7.59 -31.42 5.95
N ILE B 345 7.18 -32.29 5.01
CA ILE B 345 7.65 -33.69 5.00
C ILE B 345 9.08 -33.77 4.49
N PRO B 346 9.44 -33.16 3.35
CA PRO B 346 10.88 -33.11 2.98
C PRO B 346 11.77 -32.19 3.86
N ALA B 347 11.20 -31.27 4.67
CA ALA B 347 12.01 -30.46 5.60
C ALA B 347 12.35 -31.21 6.88
N SER B 348 11.61 -32.27 7.20
CA SER B 348 11.96 -33.16 8.30
C SER B 348 12.86 -34.32 7.85
N GLN B 349 13.13 -34.46 6.55
CA GLN B 349 14.00 -35.50 6.00
C GLN B 349 15.38 -34.95 5.61
N GLN B 350 15.91 -33.99 6.37
CA GLN B 350 17.15 -33.26 6.10
C GLN B 350 18.21 -33.58 7.15
N PRO B 351 19.43 -34.07 6.78
CA PRO B 351 20.54 -34.31 7.74
C PRO B 351 20.70 -33.32 8.93
N GLY B 370 10.69 -25.26 15.93
CA GLY B 370 10.90 -24.17 14.98
C GLY B 370 10.92 -24.60 13.51
N THR B 371 10.24 -25.71 13.21
CA THR B 371 10.11 -26.23 11.84
C THR B 371 9.73 -25.06 10.92
N ASP B 372 8.45 -24.75 10.76
CA ASP B 372 8.14 -23.54 10.01
C ASP B 372 6.74 -23.00 10.25
N LEU B 373 6.47 -21.89 9.55
CA LEU B 373 5.28 -21.04 9.67
C LEU B 373 4.69 -20.70 8.27
N MET B 374 3.58 -21.27 7.75
CA MET B 374 2.69 -22.32 8.32
C MET B 374 1.65 -21.77 9.38
N ASN B 375 2.14 -21.12 10.42
CA ASN B 375 1.25 -20.34 11.25
C ASN B 375 0.76 -19.10 10.52
N PHE B 376 1.29 -18.83 9.32
CA PHE B 376 0.80 -17.74 8.48
C PHE B 376 -0.24 -18.23 7.48
N LEU B 377 -0.06 -19.44 6.94
CA LEU B 377 -1.10 -20.03 6.12
C LEU B 377 -2.35 -20.37 6.93
N LYS B 378 -2.20 -20.71 8.21
CA LYS B 378 -3.37 -21.00 9.04
C LYS B 378 -4.10 -19.71 9.45
N THR B 379 -3.38 -18.60 9.69
CA THR B 379 -4.02 -17.30 9.91
C THR B 379 -4.83 -16.80 8.69
N VAL B 380 -4.30 -16.97 7.47
CA VAL B 380 -5.06 -16.59 6.28
C VAL B 380 -6.31 -17.47 6.15
N ARG B 381 -6.17 -18.76 6.46
CA ARG B 381 -7.30 -19.68 6.44
C ARG B 381 -8.32 -19.31 7.51
N SER B 382 -7.87 -19.13 8.74
CA SER B 382 -8.78 -18.79 9.82
C SER B 382 -9.56 -17.51 9.49
N THR B 383 -8.86 -16.45 9.06
CA THR B 383 -9.55 -15.22 8.70
C THR B 383 -10.55 -15.42 7.56
N THR B 384 -10.31 -16.38 6.67
CA THR B 384 -11.29 -16.67 5.63
C THR B 384 -12.53 -17.35 6.19
N GLU B 385 -12.32 -18.39 7.02
CA GLU B 385 -13.45 -19.16 7.54
C GLU B 385 -14.33 -18.33 8.47
N LYS B 386 -13.71 -17.46 9.28
CA LYS B 386 -14.44 -16.56 10.14
C LYS B 386 -15.14 -15.46 9.41
N SER B 387 -15.19 -15.52 8.07
CA SER B 387 -15.99 -14.62 7.28
C SER B 387 -17.29 -15.25 6.85
N LEU B 388 -17.47 -16.53 7.11
CA LEU B 388 -18.76 -17.13 6.85
C LEU B 388 -19.80 -16.46 7.74
N LEU B 389 -21.05 -16.58 7.29
CA LEU B 389 -22.22 -16.13 8.01
C LEU B 389 -22.90 -17.28 8.73
N LYS B 390 -22.91 -18.47 8.10
CA LYS B 390 -23.37 -19.71 8.72
C LYS B 390 -22.34 -20.81 8.43
N GLU B 391 -21.76 -21.36 9.49
CA GLU B 391 -20.81 -22.47 9.38
C GLU B 391 -21.10 -23.38 8.18
CHA HEM C . 6.93 15.08 7.33
CHB HEM C . 4.04 18.50 5.71
CHC HEM C . 4.96 21.37 9.53
CHD HEM C . 8.33 18.18 10.71
C1A HEM C . 6.08 15.76 6.53
C2A HEM C . 5.55 15.31 5.26
C3A HEM C . 4.72 16.24 4.82
C4A HEM C . 4.72 17.33 5.81
CMA HEM C . 3.93 16.21 3.49
CAA HEM C . 5.89 13.95 4.59
CBA HEM C . 7.18 14.05 3.80
CGA HEM C . 6.94 14.99 2.64
O1A HEM C . 7.66 16.02 2.51
O2A HEM C . 5.97 14.70 1.89
C1B HEM C . 4.11 19.55 6.58
C2B HEM C . 3.41 20.81 6.34
C3B HEM C . 3.69 21.56 7.42
C4B HEM C . 4.50 20.83 8.35
CMB HEM C . 2.59 21.11 5.05
CAB HEM C . 3.29 22.97 7.81
CBB HEM C . 2.17 23.48 7.34
C1C HEM C . 6.01 20.85 10.20
C2C HEM C . 6.78 21.41 11.30
C3C HEM C . 7.71 20.47 11.58
C4C HEM C . 7.54 19.33 10.69
CMC HEM C . 6.52 22.78 12.00
CAC HEM C . 8.82 20.45 12.64
CBC HEM C . 8.88 21.30 13.65
C1D HEM C . 8.18 17.06 9.95
C2D HEM C . 8.87 15.81 10.15
C3D HEM C . 8.48 14.94 9.22
C4D HEM C . 7.54 15.64 8.40
CMD HEM C . 9.86 15.62 11.30
CAD HEM C . 8.94 13.48 8.95
CBD HEM C . 8.70 12.54 10.12
CGD HEM C . 7.26 12.60 10.41
O1D HEM C . 6.42 12.06 9.67
O2D HEM C . 7.00 13.26 11.39
NA HEM C . 5.57 17.01 6.85
NB HEM C . 4.76 19.58 7.81
NC HEM C . 6.48 19.60 9.84
ND HEM C . 7.35 16.93 8.85
FE HEM C . 6.16 18.36 8.33
C10 HU6 D . 7.55 14.63 14.48
C12 HU6 D . 8.11 15.33 15.69
C13 HU6 D . 7.67 16.80 15.62
C14 HU6 D . 6.14 16.98 15.59
C16 HU6 D . 2.23 15.75 12.93
C15 HU6 D . 5.30 15.73 15.27
BR1 HU6 D . -0.28 16.58 13.20
C02 HU6 D . 1.41 16.67 12.38
C03 HU6 D . 1.75 17.48 11.34
C04 HU6 D . 3.05 17.37 10.84
C05 HU6 D . 3.91 16.44 11.38
C06 HU6 D . 3.48 15.62 12.46
N07 HU6 D . 4.13 14.57 13.22
C08 HU6 D . 5.52 14.40 13.21
C09 HU6 D . 6.02 14.54 14.61
O11 HU6 D . 8.18 13.37 14.36
C17 HU6 D . 5.11 16.62 10.63
N18 HU6 D . 4.92 17.58 9.73
N19 HU6 D . 3.67 18.06 9.85
CHA HEM E . 1.18 -19.13 -0.50
CHB HEM E . -1.87 -20.24 -4.03
CHC HEM E . 0.81 -24.09 -5.16
CHD HEM E . 3.29 -23.39 -1.11
C1A HEM E . 0.09 -19.08 -1.32
C2A HEM E . -0.93 -18.04 -1.34
C3A HEM E . -1.75 -18.35 -2.35
C4A HEM E . -1.30 -19.58 -2.97
CMA HEM E . -3.03 -17.65 -2.82
CAA HEM E . -0.97 -16.83 -0.36
CBA HEM E . -2.35 -16.26 -0.06
CGA HEM E . -2.94 -17.27 0.83
O1A HEM E . -2.19 -17.62 1.73
O2A HEM E . -4.07 -17.75 0.59
C1B HEM E . -1.32 -21.35 -4.64
C2B HEM E . -1.87 -21.88 -5.84
C3B HEM E . -1.10 -22.93 -6.16
C4B HEM E . -0.10 -23.08 -5.16
CMB HEM E . -3.13 -21.23 -6.46
CAB HEM E . -1.12 -23.96 -7.27
CBB HEM E . -2.04 -23.88 -8.20
C1C HEM E . 1.66 -24.30 -4.14
C2C HEM E . 2.52 -25.45 -3.98
C3C HEM E . 3.19 -25.22 -2.83
C4C HEM E . 2.80 -23.93 -2.29
CMC HEM E . 2.55 -26.61 -4.99
CAC HEM E . 4.23 -26.05 -2.12
CBC HEM E . 4.87 -27.05 -2.71
C1D HEM E . 2.98 -22.16 -0.60
C2D HEM E . 3.60 -21.49 0.53
C3D HEM E . 3.05 -20.29 0.69
C4D HEM E . 2.03 -20.18 -0.35
CMD HEM E . 4.72 -22.14 1.34
CAD HEM E . 3.27 -19.18 1.75
CBD HEM E . 4.57 -18.38 1.78
CGD HEM E . 5.36 -18.34 0.48
O1D HEM E . 4.98 -17.59 -0.46
O2D HEM E . 6.40 -19.05 0.43
NA HEM E . -0.14 -20.00 -2.30
NB HEM E . -0.24 -22.10 -4.22
NC HEM E . 1.82 -23.39 -3.12
ND HEM E . 2.02 -21.33 -1.12
FE HEM E . 0.94 -21.69 -2.57
C10 HU6 F . 8.31 -20.98 -0.98
C12 HU6 F . 8.83 -22.41 -0.97
C13 HU6 F . 8.06 -23.27 -1.97
C14 HU6 F . 8.21 -22.77 -3.42
C16 HU6 F . 6.06 -19.01 -5.74
C15 HU6 F . 8.48 -21.28 -3.60
BR1 HU6 F . 5.92 -18.71 -8.42
C02 HU6 F . 5.18 -19.20 -6.77
C03 HU6 F . 3.91 -19.74 -6.63
C04 HU6 F . 3.48 -20.09 -5.37
C05 HU6 F . 4.34 -19.89 -4.30
C06 HU6 F . 5.66 -19.34 -4.50
N07 HU6 F . 6.71 -19.06 -3.55
C08 HU6 F . 6.85 -19.89 -2.43
C09 HU6 F . 8.27 -20.37 -2.38
O11 HU6 F . 9.13 -20.08 -0.27
C17 HU6 F . 3.58 -20.35 -3.17
N18 HU6 F . 2.38 -20.77 -3.59
N19 HU6 F . 2.33 -20.62 -4.93
C ACY G . 21.21 4.45 -3.13
O ACY G . 22.24 3.76 -3.26
OXT ACY G . 20.56 4.54 -2.05
CH3 ACY G . 20.75 5.21 -4.35
#